data_5DL8
#
_entry.id   5DL8
#
_cell.length_a   170.303
_cell.length_b   90.555
_cell.length_c   101.668
_cell.angle_alpha   90.00
_cell.angle_beta   90.00
_cell.angle_gamma   90.00
#
_symmetry.space_group_name_H-M   'P 21 21 2'
#
loop_
_entity.id
_entity.type
_entity.pdbx_description
1 polymer 'Benzoate transport porin BenP'
2 non-polymer (HYDROXYETHYLOXY)TRI(ETHYLOXY)OCTANE
3 non-polymer 'CALCIUM ION'
4 water water
#
_entity_poly.entity_id   1
_entity_poly.type   'polypeptide(L)'
_entity_poly.pdbx_seq_one_letter_code
;ANVRLQHHHHHHHLEANPNQQTEDEWKFTLKNAYINRDFDNDALKDTGSWSQAASLFYKSKMHDTPLVIADKPITIGADA
SVQYAVRLSSDKHVADTVLPFNKETQSQASDYLKYGATLKLGYDKTLLSVGELWLDLPVTAVDASRQLLTSYWGTNLKSQ
LSDQLYAEIGRVEKVSPRNEEDFKKFSFTANGITKESDGLNYIDLRYQFTPSLKGEYYFGNLEDLYNKHYVGLEHTWKQP
TFALTSKFKYFNAKDDGNTFDIDAENIGLLETVKVKNHTFGLGYQQIIGESAYPLPDGFLPETYFINWNATGFFKEDEKS
YHVMYGYDFKDYIPGLNAMVKYVYGHDFKAANGEKNHETESNVILNYAFQQPLLKGFALQYIRIDYNVKHGNDFGEDRLF
VNYTKKF
;
_entity_poly.pdbx_strand_id   B,A
#
loop_
_chem_comp.id
_chem_comp.type
_chem_comp.name
_chem_comp.formula
C8E non-polymer (HYDROXYETHYLOXY)TRI(ETHYLOXY)OCTANE 'C16 H34 O5'
CA non-polymer 'CALCIUM ION' 'Ca 2'
#
# COMPACT_ATOMS: atom_id res chain seq x y z
N ASN A 17 27.13 25.59 -18.58
CA ASN A 17 27.84 24.58 -17.70
C ASN A 17 27.36 24.66 -16.18
N PRO A 18 27.67 23.62 -15.34
CA PRO A 18 26.93 23.40 -14.05
C PRO A 18 27.29 24.25 -12.77
N ASN A 19 28.58 24.51 -12.57
CA ASN A 19 29.07 25.41 -11.52
C ASN A 19 29.27 26.87 -12.03
N GLN A 20 28.51 27.36 -13.03
CA GLN A 20 28.81 28.62 -13.78
C GLN A 20 27.91 29.84 -13.52
N GLN A 21 26.93 29.78 -12.63
CA GLN A 21 26.03 30.93 -12.42
C GLN A 21 26.62 32.10 -11.62
N THR A 22 26.83 33.25 -12.28
CA THR A 22 27.46 34.45 -11.66
C THR A 22 26.48 35.34 -10.86
N GLU A 23 25.20 35.34 -11.27
CA GLU A 23 24.15 36.23 -10.69
C GLU A 23 22.97 35.41 -10.05
N ASP A 24 22.43 35.87 -8.91
CA ASP A 24 21.15 35.30 -8.40
C ASP A 24 20.06 35.40 -9.49
N GLU A 25 19.17 34.40 -9.51
CA GLU A 25 18.04 34.30 -10.45
C GLU A 25 16.81 34.04 -9.55
N TRP A 26 15.82 34.94 -9.67
CA TRP A 26 14.50 34.78 -9.08
C TRP A 26 13.43 34.56 -10.17
N LYS A 27 12.37 33.78 -9.88
CA LYS A 27 11.26 33.67 -10.85
C LYS A 27 10.00 33.76 -10.06
N PHE A 28 9.15 34.72 -10.38
CA PHE A 28 7.82 34.86 -9.84
C PHE A 28 6.82 34.46 -10.89
N THR A 29 5.88 33.60 -10.50
CA THR A 29 4.81 33.20 -11.39
C THR A 29 3.40 33.29 -10.73
N LEU A 30 2.43 33.32 -11.64
CA LEU A 30 1.01 33.21 -11.49
C LEU A 30 0.47 32.28 -12.58
N LYS A 31 -0.43 31.44 -12.12
CA LYS A 31 -1.17 30.54 -12.98
C LYS A 31 -2.70 30.44 -12.56
N ASN A 32 -3.53 30.78 -13.49
CA ASN A 32 -4.97 30.58 -13.44
C ASN A 32 -5.18 29.42 -14.35
N ALA A 33 -5.65 28.30 -13.80
CA ALA A 33 -5.72 27.02 -14.54
C ALA A 33 -7.11 26.45 -14.49
N TYR A 34 -7.69 26.22 -15.66
CA TYR A 34 -8.93 25.46 -15.78
C TYR A 34 -8.67 24.15 -16.54
N ILE A 35 -8.95 23.02 -15.86
CA ILE A 35 -8.81 21.75 -16.50
C ILE A 35 -10.13 21.01 -16.38
N ASN A 36 -10.59 20.46 -17.51
CA ASN A 36 -11.88 19.76 -17.51
C ASN A 36 -11.79 18.54 -18.37
N ARG A 37 -11.88 17.37 -17.74
CA ARG A 37 -12.00 16.11 -18.51
C ARG A 37 -13.41 15.60 -18.49
N ASP A 38 -14.00 15.48 -19.66
CA ASP A 38 -15.41 15.12 -19.81
C ASP A 38 -15.51 13.78 -20.53
N PHE A 39 -15.89 12.74 -19.81
CA PHE A 39 -16.24 11.43 -20.42
C PHE A 39 -17.50 11.46 -21.31
N ASP A 40 -17.40 10.93 -22.54
CA ASP A 40 -18.57 10.75 -23.40
C ASP A 40 -19.69 9.92 -22.70
N ASN A 41 -19.29 8.84 -22.04
CA ASN A 41 -20.24 8.00 -21.33
C ASN A 41 -20.82 8.71 -20.04
N ASP A 42 -22.16 8.91 -20.05
CA ASP A 42 -22.94 9.56 -18.94
C ASP A 42 -22.78 8.86 -17.60
N ALA A 43 -22.53 7.53 -17.60
CA ALA A 43 -22.33 6.79 -16.39
C ALA A 43 -21.08 7.18 -15.64
N LEU A 44 -20.10 7.81 -16.31
CA LEU A 44 -18.86 8.19 -15.64
C LEU A 44 -18.88 9.65 -15.18
N LYS A 45 -18.08 9.92 -14.15
CA LYS A 45 -17.92 11.26 -13.62
C LYS A 45 -16.80 12.11 -14.18
N ASP A 46 -17.20 13.29 -14.63
CA ASP A 46 -16.31 14.32 -15.21
C ASP A 46 -15.34 14.84 -14.15
N THR A 47 -14.06 15.07 -14.48
CA THR A 47 -13.14 15.58 -13.49
C THR A 47 -12.54 16.90 -13.94
N GLY A 48 -11.85 17.49 -12.98
CA GLY A 48 -11.07 18.66 -13.17
C GLY A 48 -11.22 19.65 -12.01
N SER A 49 -10.64 20.87 -12.20
CA SER A 49 -10.77 22.04 -11.32
C SER A 49 -10.36 23.35 -12.10
N TRP A 50 -10.61 24.43 -11.36
CA TRP A 50 -10.28 25.79 -11.66
C TRP A 50 -9.53 26.18 -10.42
N SER A 51 -8.32 26.68 -10.66
CA SER A 51 -7.46 27.12 -9.57
C SER A 51 -6.63 28.34 -9.92
N GLN A 52 -6.25 29.10 -8.87
CA GLN A 52 -5.29 30.22 -8.99
C GLN A 52 -4.11 29.95 -8.10
N ALA A 53 -2.89 30.14 -8.67
CA ALA A 53 -1.64 29.87 -7.97
C ALA A 53 -0.70 31.07 -8.04
N ALA A 54 0.17 31.18 -7.03
CA ALA A 54 1.28 32.11 -6.97
C ALA A 54 2.53 31.30 -6.46
N SER A 55 3.68 31.58 -7.08
CA SER A 55 4.91 30.87 -6.80
C SER A 55 6.13 31.73 -6.91
N LEU A 56 7.14 31.34 -6.16
CA LEU A 56 8.42 32.01 -6.18
C LEU A 56 9.60 30.99 -6.11
N PHE A 57 10.59 31.20 -6.97
CA PHE A 57 11.76 30.31 -7.14
C PHE A 57 13.06 31.17 -7.07
N TYR A 58 13.97 30.70 -6.27
CA TYR A 58 15.20 31.38 -6.01
C TYR A 58 16.37 30.43 -6.26
N LYS A 59 17.35 30.94 -7.00
CA LYS A 59 18.61 30.25 -7.21
C LYS A 59 19.77 31.13 -7.05
N SER A 60 20.52 30.92 -6.00
CA SER A 60 21.70 31.73 -5.80
C SER A 60 22.80 31.58 -6.88
N LYS A 61 23.53 32.66 -7.06
CA LYS A 61 24.85 32.54 -7.68
C LYS A 61 25.69 31.58 -6.84
N MET A 62 26.69 31.03 -7.49
CA MET A 62 27.72 30.25 -6.80
C MET A 62 28.71 31.21 -6.15
N HIS A 63 28.93 31.06 -4.87
CA HIS A 63 29.81 31.98 -4.20
C HIS A 63 31.15 31.35 -3.99
N ASP A 64 32.17 32.07 -4.43
CA ASP A 64 33.58 31.83 -4.11
C ASP A 64 33.86 31.76 -2.56
N THR A 65 34.26 30.59 -2.05
CA THR A 65 34.88 30.48 -0.71
C THR A 65 36.34 30.85 -0.80
N PRO A 66 36.96 31.06 0.36
CA PRO A 66 38.41 31.29 0.27
C PRO A 66 39.34 30.10 -0.10
N LEU A 67 38.83 28.86 -0.16
CA LEU A 67 39.62 27.67 -0.69
C LEU A 67 39.74 27.55 -2.20
N VAL A 68 40.96 27.74 -2.70
CA VAL A 68 41.26 27.60 -4.10
C VAL A 68 42.21 26.38 -4.22
N ILE A 69 41.89 25.44 -5.11
CA ILE A 69 42.63 24.19 -5.33
C ILE A 69 42.92 24.09 -6.81
N ALA A 70 44.20 24.06 -7.15
CA ALA A 70 44.70 24.13 -8.53
C ALA A 70 44.03 25.25 -9.34
N ASP A 71 44.07 26.50 -8.85
CA ASP A 71 43.51 27.71 -9.53
C ASP A 71 41.97 27.80 -9.64
N LYS A 72 41.23 26.84 -9.06
CA LYS A 72 39.75 26.86 -9.02
C LYS A 72 39.17 26.95 -7.60
N PRO A 73 38.23 27.90 -7.39
CA PRO A 73 37.64 27.96 -6.06
C PRO A 73 36.66 26.84 -5.75
N ILE A 74 36.62 26.44 -4.49
CA ILE A 74 35.45 25.70 -3.98
C ILE A 74 34.35 26.72 -3.83
N THR A 75 33.12 26.35 -4.18
CA THR A 75 31.97 27.31 -4.26
C THR A 75 30.76 26.78 -3.49
N ILE A 76 29.99 27.69 -2.90
CA ILE A 76 28.73 27.35 -2.17
C ILE A 76 27.55 28.18 -2.72
N GLY A 77 26.38 27.57 -2.74
CA GLY A 77 25.15 28.32 -2.93
C GLY A 77 23.98 27.62 -2.32
N ALA A 78 22.82 28.16 -2.59
CA ALA A 78 21.55 27.58 -2.16
C ALA A 78 20.40 27.98 -3.09
N ASP A 79 19.42 27.10 -3.13
CA ASP A 79 18.23 27.36 -3.85
C ASP A 79 17.04 27.18 -2.89
N ALA A 80 15.90 27.68 -3.30
CA ALA A 80 14.64 27.47 -2.54
C ALA A 80 13.40 27.81 -3.38
N SER A 81 12.26 27.24 -2.98
CA SER A 81 11.02 27.41 -3.74
C SER A 81 9.81 27.43 -2.81
N VAL A 82 8.72 28.05 -3.29
CA VAL A 82 7.43 27.99 -2.64
C VAL A 82 6.39 28.13 -3.73
N GLN A 83 5.36 27.29 -3.66
CA GLN A 83 4.25 27.31 -4.64
C GLN A 83 2.96 27.08 -3.91
N TYR A 84 1.95 27.86 -4.24
CA TYR A 84 0.69 27.88 -3.51
C TYR A 84 -0.44 28.05 -4.48
N ALA A 85 -1.45 27.16 -4.41
CA ALA A 85 -2.64 27.25 -5.23
C ALA A 85 -3.93 27.16 -4.36
N VAL A 86 -4.95 27.93 -4.74
CA VAL A 86 -6.30 27.85 -4.21
C VAL A 86 -7.29 27.31 -5.22
N ARG A 87 -8.09 26.31 -4.80
CA ARG A 87 -9.20 25.88 -5.62
C ARG A 87 -10.33 26.94 -5.71
N LEU A 88 -10.80 27.24 -6.89
CA LEU A 88 -11.93 28.17 -7.05
C LEU A 88 -13.24 27.54 -7.44
N SER A 89 -13.20 26.47 -8.17
CA SER A 89 -14.40 25.80 -8.60
C SER A 89 -14.97 25.04 -7.38
N SER A 90 -16.14 24.52 -7.55
CA SER A 90 -16.81 23.83 -6.47
C SER A 90 -16.28 22.39 -6.43
N ASP A 91 -16.42 21.74 -5.32
CA ASP A 91 -15.80 20.42 -5.08
C ASP A 91 -16.59 19.37 -5.89
N LYS A 92 -15.94 18.67 -6.81
CA LYS A 92 -16.55 17.56 -7.59
C LYS A 92 -16.53 16.25 -6.81
N HIS A 93 -15.78 16.23 -5.71
CA HIS A 93 -15.68 15.01 -4.93
C HIS A 93 -15.15 13.80 -5.72
N VAL A 94 -14.27 14.07 -6.67
CA VAL A 94 -13.52 13.05 -7.39
C VAL A 94 -12.17 13.63 -7.73
N ALA A 95 -11.15 12.74 -7.85
CA ALA A 95 -9.83 13.12 -8.21
C ALA A 95 -9.77 13.76 -9.56
N ASP A 96 -8.98 14.77 -9.68
CA ASP A 96 -8.63 15.42 -10.96
C ASP A 96 -7.21 15.23 -11.48
N THR A 97 -6.31 14.79 -10.61
CA THR A 97 -4.88 14.70 -10.93
C THR A 97 -4.16 15.99 -11.06
N VAL A 98 -4.79 17.07 -10.54
CA VAL A 98 -4.25 18.43 -10.57
C VAL A 98 -3.92 18.89 -9.19
N LEU A 99 -4.92 18.70 -8.31
CA LEU A 99 -4.84 19.14 -6.94
C LEU A 99 -4.94 17.89 -6.09
N PRO A 100 -4.50 17.96 -4.85
CA PRO A 100 -4.64 16.76 -4.04
C PRO A 100 -6.11 16.35 -3.94
N PHE A 101 -6.32 15.12 -3.57
CA PHE A 101 -7.61 14.59 -3.35
C PHE A 101 -7.63 13.78 -2.08
N ASN A 102 -8.51 14.08 -1.18
CA ASN A 102 -8.57 13.23 0.03
C ASN A 102 -9.53 12.05 -0.31
N LYS A 103 -8.94 10.88 -0.41
CA LYS A 103 -9.68 9.66 -0.80
C LYS A 103 -10.63 9.08 0.20
N GLU A 104 -10.43 9.44 1.46
CA GLU A 104 -11.21 8.93 2.59
C GLU A 104 -12.51 9.70 2.68
N THR A 105 -12.35 11.03 2.67
CA THR A 105 -13.46 11.94 2.71
C THR A 105 -14.02 12.12 1.30
N GLN A 106 -13.28 11.78 0.25
CA GLN A 106 -13.76 12.03 -1.13
C GLN A 106 -13.91 13.50 -1.50
N SER A 107 -12.97 14.30 -1.06
CA SER A 107 -12.95 15.72 -1.24
C SER A 107 -11.67 16.24 -1.94
N GLN A 108 -11.86 17.06 -2.96
CA GLN A 108 -10.72 17.76 -3.59
C GLN A 108 -10.22 18.78 -2.61
N ALA A 109 -8.92 18.95 -2.47
CA ALA A 109 -8.38 19.93 -1.49
C ALA A 109 -8.85 21.36 -1.84
N SER A 110 -9.03 22.18 -0.84
CA SER A 110 -9.47 23.56 -1.17
C SER A 110 -8.28 24.45 -1.49
N ASP A 111 -7.07 24.02 -1.11
CA ASP A 111 -5.79 24.74 -1.39
C ASP A 111 -4.57 23.77 -1.13
N TYR A 112 -3.40 24.05 -1.67
CA TYR A 112 -2.22 23.27 -1.29
C TYR A 112 -0.98 24.11 -1.50
N LEU A 113 0.02 23.80 -0.67
CA LEU A 113 1.26 24.50 -0.54
C LEU A 113 2.38 23.53 -0.69
N LYS A 114 3.32 23.84 -1.60
CA LYS A 114 4.66 23.14 -1.68
C LYS A 114 5.79 24.13 -1.28
N TYR A 115 6.89 23.61 -0.76
CA TYR A 115 8.10 24.32 -0.57
C TYR A 115 9.32 23.34 -0.49
N GLY A 116 10.50 23.91 -0.75
CA GLY A 116 11.78 23.19 -0.68
C GLY A 116 12.99 24.13 -0.62
N ALA A 117 14.13 23.52 -0.35
CA ALA A 117 15.41 24.22 -0.33
C ALA A 117 16.47 23.26 -0.73
N THR A 118 17.58 23.82 -1.24
CA THR A 118 18.65 23.03 -1.77
C THR A 118 19.99 23.65 -1.36
N LEU A 119 20.90 22.81 -0.82
CA LEU A 119 22.34 23.20 -0.63
C LEU A 119 23.16 22.83 -1.86
N LYS A 120 24.04 23.72 -2.30
CA LYS A 120 24.91 23.54 -3.45
C LYS A 120 26.38 23.70 -3.07
N LEU A 121 27.24 22.86 -3.64
CA LEU A 121 28.71 22.86 -3.47
C LEU A 121 29.36 22.61 -4.86
N GLY A 122 30.20 23.55 -5.32
CA GLY A 122 30.73 23.48 -6.70
C GLY A 122 32.24 23.42 -6.69
N TYR A 123 32.81 22.82 -7.73
CA TYR A 123 34.25 22.89 -8.01
C TYR A 123 34.50 22.82 -9.56
N ASP A 124 35.17 23.84 -10.15
CA ASP A 124 35.48 23.84 -11.57
C ASP A 124 34.16 23.60 -12.43
N LYS A 125 33.99 22.42 -13.06
CA LYS A 125 32.79 22.12 -13.84
C LYS A 125 31.88 21.08 -13.21
N THR A 126 31.90 21.04 -11.88
CA THR A 126 31.13 20.09 -11.07
C THR A 126 30.26 20.80 -10.01
N LEU A 127 29.10 20.24 -9.76
CA LEU A 127 28.22 20.78 -8.84
C LEU A 127 27.55 19.67 -8.13
N LEU A 128 27.65 19.69 -6.80
CA LEU A 128 26.99 18.70 -5.91
C LEU A 128 25.74 19.44 -5.34
N SER A 129 24.57 18.78 -5.41
CA SER A 129 23.34 19.38 -4.85
C SER A 129 22.64 18.43 -3.84
N VAL A 130 22.23 18.95 -2.69
CA VAL A 130 21.56 18.17 -1.72
C VAL A 130 20.29 18.93 -1.27
N GLY A 131 19.14 18.24 -1.38
CA GLY A 131 17.80 18.70 -0.97
C GLY A 131 16.82 18.55 -2.15
N GLU A 132 16.17 19.65 -2.50
CA GLU A 132 15.15 19.65 -3.57
C GLU A 132 15.93 19.67 -4.91
N LEU A 133 15.51 18.81 -5.81
CA LEU A 133 16.06 18.74 -7.11
C LEU A 133 14.94 18.89 -8.17
N TRP A 134 15.22 19.76 -9.14
CA TRP A 134 14.47 19.90 -10.31
C TRP A 134 15.16 19.04 -11.40
N LEU A 135 14.71 17.85 -11.63
CA LEU A 135 15.33 16.90 -12.57
C LEU A 135 14.67 17.06 -13.93
N ASP A 136 15.49 16.87 -14.94
CA ASP A 136 15.06 16.86 -16.30
C ASP A 136 15.69 15.60 -16.98
N LEU A 137 15.17 14.43 -16.60
CA LEU A 137 15.69 13.12 -16.95
C LEU A 137 14.60 12.16 -17.26
N PRO A 138 14.95 11.07 -17.91
CA PRO A 138 14.07 9.88 -17.88
C PRO A 138 13.61 9.47 -16.44
N VAL A 139 12.42 8.93 -16.29
CA VAL A 139 11.80 8.80 -15.04
C VAL A 139 11.39 10.13 -14.26
N THR A 140 12.37 11.05 -14.01
CA THR A 140 12.20 12.19 -13.19
C THR A 140 12.28 13.41 -14.08
N ALA A 141 11.19 13.88 -14.63
N ALA A 141 11.09 13.73 -14.55
CA ALA A 141 11.29 15.07 -15.57
CA ALA A 141 10.74 14.97 -15.24
C ALA A 141 10.70 16.38 -15.02
C ALA A 141 10.07 16.01 -14.29
N VAL A 142 10.72 17.44 -15.82
N VAL A 142 10.51 17.28 -14.42
CA VAL A 142 9.82 18.63 -15.61
CA VAL A 142 9.67 18.44 -14.04
C VAL A 142 8.33 18.16 -15.65
C VAL A 142 8.51 18.71 -15.11
N ASP A 143 7.42 18.26 -14.56
CA ASP A 143 6.01 18.20 -14.92
C ASP A 143 5.26 19.51 -14.58
N ALA A 144 5.19 20.32 -15.62
CA ALA A 144 4.39 21.60 -15.58
C ALA A 144 3.05 21.51 -16.32
N SER A 145 2.46 20.35 -16.49
CA SER A 145 1.27 20.17 -17.39
C SER A 145 -0.11 20.63 -16.70
N ARG A 146 -0.05 20.83 -15.39
CA ARG A 146 -1.32 21.05 -14.68
C ARG A 146 -1.28 22.38 -13.87
N GLN A 147 -1.23 22.30 -12.53
CA GLN A 147 -1.15 23.47 -11.72
C GLN A 147 0.22 23.60 -11.08
N LEU A 148 0.41 23.16 -9.84
CA LEU A 148 1.82 23.23 -9.26
C LEU A 148 2.76 22.13 -9.93
N LEU A 149 4.06 22.28 -9.74
CA LEU A 149 5.13 21.51 -10.47
C LEU A 149 5.79 20.45 -9.55
N THR A 150 5.98 19.29 -10.13
CA THR A 150 6.70 18.15 -9.50
C THR A 150 8.16 18.56 -9.23
N SER A 151 8.64 18.25 -8.05
CA SER A 151 10.07 18.24 -7.76
C SER A 151 10.42 16.99 -6.95
N TYR A 152 11.71 16.87 -6.56
CA TYR A 152 12.30 15.61 -6.02
C TYR A 152 13.22 15.91 -4.81
N TRP A 153 13.50 14.93 -3.98
CA TRP A 153 14.39 15.22 -2.90
C TRP A 153 15.48 14.17 -2.92
N GLY A 154 16.72 14.64 -2.84
CA GLY A 154 17.90 13.72 -2.85
C GLY A 154 19.21 14.43 -3.00
N THR A 155 20.22 13.70 -3.47
CA THR A 155 21.54 14.23 -3.75
C THR A 155 21.91 13.90 -5.14
N ASN A 156 22.46 14.88 -5.87
CA ASN A 156 23.11 14.58 -7.15
C ASN A 156 24.39 15.33 -7.43
N LEU A 157 25.14 14.81 -8.41
CA LEU A 157 26.49 15.29 -8.80
C LEU A 157 26.50 15.39 -10.31
N LYS A 158 26.79 16.60 -10.81
CA LYS A 158 26.88 16.92 -12.27
C LYS A 158 28.26 17.36 -12.64
N SER A 159 28.77 16.90 -13.76
CA SER A 159 30.05 17.36 -14.24
C SER A 159 30.20 17.44 -15.78
N GLN A 160 30.78 18.53 -16.30
CA GLN A 160 31.25 18.58 -17.70
C GLN A 160 32.66 18.08 -17.67
N LEU A 161 32.80 16.77 -17.87
CA LEU A 161 34.02 16.06 -17.77
C LEU A 161 34.92 16.38 -18.94
N SER A 162 34.34 16.87 -20.05
CA SER A 162 35.12 17.40 -21.22
C SER A 162 34.20 18.19 -22.10
N ASP A 163 34.73 18.78 -23.17
CA ASP A 163 33.88 19.53 -24.11
C ASP A 163 32.73 18.67 -24.62
N GLN A 164 32.96 17.39 -24.90
CA GLN A 164 31.94 16.45 -25.43
C GLN A 164 31.12 15.60 -24.37
N LEU A 165 31.73 15.27 -23.24
CA LEU A 165 31.10 14.39 -22.29
C LEU A 165 30.52 15.11 -21.01
N TYR A 166 29.21 15.03 -20.83
CA TYR A 166 28.53 15.47 -19.62
C TYR A 166 28.07 14.21 -18.86
N ALA A 167 28.27 14.19 -17.55
CA ALA A 167 27.78 13.04 -16.69
C ALA A 167 27.01 13.56 -15.51
N GLU A 168 26.12 12.75 -14.96
CA GLU A 168 25.37 13.09 -13.76
C GLU A 168 24.98 11.78 -13.10
N ILE A 169 25.18 11.72 -11.79
CA ILE A 169 24.76 10.60 -10.93
C ILE A 169 23.90 11.15 -9.75
N GLY A 170 23.02 10.34 -9.20
CA GLY A 170 22.22 10.80 -8.06
C GLY A 170 21.53 9.65 -7.32
N ARG A 171 21.13 9.95 -6.10
CA ARG A 171 20.20 9.13 -5.37
C ARG A 171 19.00 10.02 -4.98
N VAL A 172 17.84 9.63 -5.47
CA VAL A 172 16.61 10.38 -5.27
C VAL A 172 15.71 9.57 -4.29
N GLU A 173 15.53 10.07 -3.09
CA GLU A 173 14.78 9.34 -2.11
C GLU A 173 13.31 9.56 -2.16
N LYS A 174 12.87 10.76 -2.60
CA LYS A 174 11.52 11.19 -2.49
C LYS A 174 11.11 12.03 -3.69
N VAL A 175 9.81 12.02 -3.93
CA VAL A 175 9.16 12.79 -5.00
C VAL A 175 8.01 13.56 -4.37
N SER A 176 7.78 14.78 -4.81
CA SER A 176 6.52 15.53 -4.43
C SER A 176 5.75 15.74 -5.68
N PRO A 177 4.82 14.87 -5.94
CA PRO A 177 4.05 15.01 -7.21
C PRO A 177 3.32 16.36 -7.46
N ARG A 178 3.01 16.66 -8.73
CA ARG A 178 2.41 17.92 -9.12
C ARG A 178 1.09 18.25 -8.26
N ASN A 179 0.35 17.23 -7.82
CA ASN A 179 -0.91 17.39 -7.14
C ASN A 179 -0.79 17.09 -5.69
N GLU A 180 0.42 17.20 -5.08
CA GLU A 180 0.56 16.87 -3.67
C GLU A 180 1.45 17.87 -3.00
N GLU A 181 1.38 17.90 -1.68
CA GLU A 181 2.14 18.83 -0.85
C GLU A 181 3.43 18.33 -0.34
N ASP A 182 3.50 17.05 -0.05
CA ASP A 182 4.61 16.48 0.70
C ASP A 182 5.51 15.68 -0.25
N PHE A 183 6.70 15.40 0.24
CA PHE A 183 7.72 14.57 -0.41
C PHE A 183 7.43 13.20 0.13
N LYS A 184 7.27 12.25 -0.78
CA LYS A 184 7.02 10.83 -0.40
C LYS A 184 7.91 9.90 -1.27
N LYS A 185 8.00 8.65 -0.81
CA LYS A 185 8.68 7.62 -1.58
C LYS A 185 8.02 7.36 -2.91
N PHE A 186 8.83 7.03 -3.92
CA PHE A 186 8.32 6.51 -5.20
C PHE A 186 7.57 5.25 -5.01
N SER A 187 6.62 4.96 -5.90
CA SER A 187 5.94 3.71 -5.77
C SER A 187 5.43 3.15 -7.10
N PHE A 188 5.08 1.87 -7.13
CA PHE A 188 4.39 1.30 -8.26
C PHE A 188 3.22 0.47 -7.72
N THR A 189 2.15 0.55 -8.49
CA THR A 189 0.90 -0.07 -8.17
C THR A 189 0.41 -1.04 -9.26
N ALA A 190 -0.05 -2.24 -8.88
CA ALA A 190 -0.78 -3.07 -9.86
C ALA A 190 -1.76 -3.96 -9.13
N ASN A 191 -2.94 -4.17 -9.80
CA ASN A 191 -3.99 -4.98 -9.36
C ASN A 191 -4.42 -4.40 -7.96
N GLY A 192 -4.35 -3.07 -7.82
CA GLY A 192 -4.80 -2.30 -6.58
C GLY A 192 -3.89 -2.54 -5.40
N ILE A 193 -2.66 -3.11 -5.64
CA ILE A 193 -1.67 -3.30 -4.62
C ILE A 193 -0.48 -2.36 -4.93
N THR A 194 -0.14 -1.52 -3.91
CA THR A 194 0.96 -0.56 -3.93
C THR A 194 2.23 -1.02 -3.19
N LYS A 195 3.40 -0.90 -3.81
CA LYS A 195 4.69 -1.06 -3.17
C LYS A 195 5.54 0.17 -3.35
N GLU A 196 6.26 0.55 -2.29
CA GLU A 196 7.16 1.72 -2.26
C GLU A 196 8.59 1.33 -2.46
N SER A 197 9.39 2.25 -2.95
CA SER A 197 10.82 2.10 -3.06
C SER A 197 11.56 2.94 -2.05
N ASP A 198 12.67 2.42 -1.53
CA ASP A 198 13.64 3.24 -0.79
C ASP A 198 14.41 4.26 -1.62
N GLY A 199 14.46 4.10 -2.92
CA GLY A 199 15.14 5.14 -3.69
C GLY A 199 15.46 4.79 -5.12
N LEU A 200 15.74 5.84 -5.90
CA LEU A 200 16.16 5.79 -7.26
C LEU A 200 17.63 6.17 -7.31
N ASN A 201 18.47 5.24 -7.78
CA ASN A 201 19.92 5.48 -7.99
C ASN A 201 20.09 5.52 -9.49
N TYR A 202 20.66 6.60 -9.98
CA TYR A 202 20.75 6.79 -11.44
C TYR A 202 22.12 7.28 -11.93
N ILE A 203 22.38 7.05 -13.21
CA ILE A 203 23.50 7.69 -13.99
C ILE A 203 22.96 8.15 -15.32
N ASP A 204 23.36 9.36 -15.74
CA ASP A 204 22.99 9.85 -17.05
C ASP A 204 24.23 10.39 -17.70
N LEU A 205 24.50 10.04 -18.95
CA LEU A 205 25.68 10.43 -19.74
C LEU A 205 25.23 11.03 -21.07
N ARG A 206 25.76 12.21 -21.39
CA ARG A 206 25.39 12.99 -22.63
C ARG A 206 26.63 13.31 -23.43
N TYR A 207 26.71 12.78 -24.65
CA TYR A 207 27.93 12.85 -25.47
C TYR A 207 27.56 13.52 -26.77
N GLN A 208 28.33 14.53 -27.09
CA GLN A 208 28.24 15.27 -28.36
C GLN A 208 29.25 14.65 -29.35
N PHE A 209 28.73 13.90 -30.29
CA PHE A 209 29.57 13.07 -31.12
C PHE A 209 30.20 13.96 -32.16
N THR A 210 29.38 14.83 -32.74
CA THR A 210 29.77 15.79 -33.79
C THR A 210 28.83 17.01 -33.61
N PRO A 211 29.06 18.15 -34.40
CA PRO A 211 28.13 19.30 -34.24
C PRO A 211 26.63 18.91 -34.51
N SER A 212 26.37 17.92 -35.36
CA SER A 212 25.03 17.53 -35.69
C SER A 212 24.56 16.25 -34.96
N LEU A 213 25.42 15.61 -34.15
CA LEU A 213 24.96 14.34 -33.57
C LEU A 213 25.25 14.20 -32.13
N LYS A 214 24.25 13.91 -31.34
CA LYS A 214 24.53 13.63 -29.94
C LYS A 214 23.74 12.47 -29.44
N GLY A 215 24.19 11.92 -28.32
CA GLY A 215 23.58 10.73 -27.71
C GLY A 215 23.39 10.84 -26.18
N GLU A 216 22.57 10.01 -25.61
CA GLU A 216 22.36 10.03 -24.15
C GLU A 216 22.22 8.57 -23.71
N TYR A 217 22.91 8.18 -22.66
CA TYR A 217 22.59 6.95 -22.01
C TYR A 217 22.14 7.19 -20.61
N TYR A 218 21.10 6.51 -20.17
CA TYR A 218 20.65 6.67 -18.74
C TYR A 218 20.43 5.31 -18.16
N PHE A 219 20.76 5.20 -16.89
CA PHE A 219 20.42 3.99 -16.12
C PHE A 219 19.80 4.43 -14.80
N GLY A 220 18.65 3.82 -14.53
CA GLY A 220 17.96 4.09 -13.26
C GLY A 220 17.59 2.82 -12.49
N ASN A 221 18.04 2.75 -11.25
CA ASN A 221 17.75 1.58 -10.37
C ASN A 221 16.71 2.10 -9.40
N LEU A 222 15.45 1.77 -9.70
CA LEU A 222 14.39 2.17 -8.79
C LEU A 222 14.22 1.07 -7.74
N GLU A 223 14.86 1.17 -6.59
CA GLU A 223 14.98 -0.01 -5.70
C GLU A 223 13.67 -0.73 -5.42
N ASP A 224 13.62 -2.06 -5.61
CA ASP A 224 12.47 -3.01 -5.27
C ASP A 224 11.31 -2.89 -6.23
N LEU A 225 11.40 -1.97 -7.21
CA LEU A 225 10.38 -1.86 -8.28
C LEU A 225 10.94 -2.39 -9.66
N TYR A 226 11.84 -1.65 -10.29
CA TYR A 226 12.35 -1.99 -11.62
C TYR A 226 13.61 -1.17 -11.96
N ASN A 227 14.33 -1.73 -12.89
CA ASN A 227 15.56 -1.12 -13.47
C ASN A 227 15.35 -0.71 -14.88
N LYS A 228 15.79 0.46 -15.22
CA LYS A 228 15.49 1.03 -16.53
C LYS A 228 16.74 1.51 -17.25
N HIS A 229 16.88 1.07 -18.50
CA HIS A 229 17.92 1.59 -19.46
C HIS A 229 17.24 2.43 -20.57
N TYR A 230 17.91 3.52 -20.92
CA TYR A 230 17.52 4.36 -22.01
C TYR A 230 18.76 4.74 -22.84
N VAL A 231 18.62 4.61 -24.15
CA VAL A 231 19.57 5.17 -25.13
C VAL A 231 18.78 6.07 -26.07
N GLY A 232 19.27 7.28 -26.15
CA GLY A 232 18.62 8.30 -27.07
C GLY A 232 19.72 8.76 -28.04
N LEU A 233 19.49 8.74 -29.34
CA LEU A 233 20.38 9.43 -30.34
C LEU A 233 19.60 10.47 -31.15
N GLU A 234 20.17 11.66 -31.28
CA GLU A 234 19.50 12.75 -31.97
C GLU A 234 20.39 13.35 -33.02
N HIS A 235 19.92 13.37 -34.25
CA HIS A 235 20.72 14.06 -35.30
C HIS A 235 19.91 15.24 -35.88
N THR A 236 20.61 16.33 -36.12
CA THR A 236 20.03 17.55 -36.74
C THR A 236 20.80 17.84 -38.11
N TRP A 237 19.98 17.82 -39.18
CA TRP A 237 20.48 18.02 -40.53
C TRP A 237 20.02 19.46 -40.84
N LYS A 238 21.00 20.37 -40.87
CA LYS A 238 20.73 21.79 -41.19
C LYS A 238 21.02 21.97 -42.64
N GLN A 239 20.05 22.59 -43.30
CA GLN A 239 20.16 22.92 -44.70
C GLN A 239 19.91 24.39 -44.85
N PRO A 240 20.24 25.03 -46.04
CA PRO A 240 19.85 26.43 -46.21
C PRO A 240 18.34 26.72 -45.88
N THR A 241 17.39 25.89 -46.33
CA THR A 241 15.98 26.21 -46.31
C THR A 241 15.12 25.28 -45.39
N PHE A 242 15.71 24.30 -44.70
CA PHE A 242 15.00 23.53 -43.70
C PHE A 242 15.93 22.95 -42.67
N ALA A 243 15.39 22.48 -41.55
CA ALA A 243 16.20 21.67 -40.61
C ALA A 243 15.49 20.37 -40.29
N LEU A 244 16.17 19.23 -40.38
CA LEU A 244 15.50 17.96 -40.09
C LEU A 244 16.10 17.38 -38.83
N THR A 245 15.22 17.05 -37.91
CA THR A 245 15.55 16.45 -36.62
C THR A 245 15.12 14.98 -36.63
N SER A 246 16.10 14.11 -36.41
CA SER A 246 15.89 12.65 -36.30
C SER A 246 16.28 12.15 -34.93
N LYS A 247 15.32 11.51 -34.32
CA LYS A 247 15.56 10.93 -33.07
C LYS A 247 15.28 9.44 -33.03
N PHE A 248 16.17 8.67 -32.36
CA PHE A 248 15.92 7.28 -32.07
C PHE A 248 15.99 7.10 -30.63
N LYS A 249 14.97 6.47 -30.06
CA LYS A 249 14.92 6.26 -28.67
C LYS A 249 14.69 4.78 -28.30
N TYR A 250 15.45 4.27 -27.33
CA TYR A 250 15.29 2.88 -26.84
C TYR A 250 15.21 2.86 -25.33
N PHE A 251 14.11 2.32 -24.87
CA PHE A 251 13.92 2.06 -23.43
C PHE A 251 13.84 0.53 -23.13
N ASN A 252 14.42 0.15 -22.02
CA ASN A 252 14.26 -1.23 -21.52
C ASN A 252 13.93 -1.16 -20.05
N ALA A 253 12.81 -1.78 -19.67
CA ALA A 253 12.32 -1.88 -18.24
C ALA A 253 12.12 -3.38 -17.77
N LYS A 254 12.71 -3.69 -16.65
CA LYS A 254 12.66 -4.98 -16.09
C LYS A 254 12.58 -4.98 -14.59
N ASP A 255 11.78 -5.86 -13.98
CA ASP A 255 11.60 -5.66 -12.48
C ASP A 255 12.88 -5.89 -11.62
N ASP A 256 13.05 -5.15 -10.49
CA ASP A 256 14.31 -5.15 -9.65
C ASP A 256 14.06 -6.13 -8.53
N GLY A 257 14.83 -7.21 -8.65
CA GLY A 257 14.48 -8.50 -8.12
C GLY A 257 13.25 -9.06 -8.84
N ASN A 258 12.16 -9.17 -8.06
CA ASN A 258 10.85 -9.73 -8.42
C ASN A 258 9.65 -8.75 -8.00
N THR A 259 8.61 -9.29 -7.33
CA THR A 259 7.26 -8.65 -7.19
C THR A 259 6.41 -8.38 -8.51
N PHE A 260 6.86 -7.59 -9.50
CA PHE A 260 5.97 -7.20 -10.60
C PHE A 260 6.03 -7.94 -11.94
N ASP A 261 7.02 -8.68 -12.28
CA ASP A 261 6.96 -9.05 -13.73
C ASP A 261 6.72 -7.74 -14.67
N ILE A 262 7.69 -6.86 -14.56
CA ILE A 262 7.92 -5.80 -15.54
C ILE A 262 8.89 -6.43 -16.59
N ASP A 263 8.43 -6.48 -17.84
CA ASP A 263 9.19 -6.98 -18.98
C ASP A 263 8.77 -6.16 -20.24
N ALA A 264 9.40 -5.02 -20.45
CA ALA A 264 9.06 -4.23 -21.63
C ALA A 264 10.17 -3.45 -22.27
N GLU A 265 10.11 -3.39 -23.58
CA GLU A 265 10.99 -2.49 -24.40
C GLU A 265 10.08 -1.45 -25.09
N ASN A 266 10.60 -0.26 -25.26
CA ASN A 266 9.89 0.82 -26.05
C ASN A 266 10.84 1.40 -27.07
N ILE A 267 10.56 1.10 -28.32
CA ILE A 267 11.42 1.56 -29.36
C ILE A 267 10.67 2.63 -30.14
N GLY A 268 11.38 3.71 -30.46
CA GLY A 268 10.81 4.87 -31.11
C GLY A 268 11.69 5.59 -32.12
N LEU A 269 11.05 6.15 -33.12
CA LEU A 269 11.67 6.95 -34.15
C LEU A 269 10.81 8.20 -34.38
N LEU A 270 11.41 9.38 -34.30
CA LEU A 270 10.75 10.59 -34.66
C LEU A 270 11.52 11.39 -35.65
N GLU A 271 10.80 11.90 -36.64
CA GLU A 271 11.41 12.78 -37.65
C GLU A 271 10.57 14.03 -37.70
N THR A 272 11.23 15.15 -37.53
CA THR A 272 10.60 16.44 -37.41
C THR A 272 11.23 17.48 -38.40
N VAL A 273 10.47 18.14 -39.24
CA VAL A 273 11.11 19.10 -40.11
C VAL A 273 10.57 20.54 -39.84
N LYS A 274 11.48 21.53 -39.66
CA LYS A 274 11.15 23.00 -39.63
C LYS A 274 11.54 23.67 -40.95
N VAL A 275 10.53 24.16 -41.64
CA VAL A 275 10.72 25.03 -42.79
C VAL A 275 10.00 26.39 -42.61
N LYS A 276 10.76 27.51 -42.72
CA LYS A 276 10.25 28.92 -42.37
C LYS A 276 9.42 28.79 -41.09
N ASN A 277 8.09 28.96 -41.12
CA ASN A 277 7.37 28.95 -39.83
C ASN A 277 6.56 27.70 -39.51
N HIS A 278 6.69 26.73 -40.37
CA HIS A 278 6.00 25.44 -40.26
C HIS A 278 6.89 24.41 -39.67
N THR A 279 6.24 23.46 -39.00
CA THR A 279 6.87 22.24 -38.39
C THR A 279 5.99 21.01 -38.76
N PHE A 280 6.57 19.92 -39.28
N PHE A 280 6.62 19.93 -39.19
CA PHE A 280 5.82 18.68 -39.60
CA PHE A 280 5.92 18.76 -39.64
C PHE A 280 6.61 17.52 -39.03
C PHE A 280 6.62 17.69 -38.79
N GLY A 281 5.93 16.69 -38.28
CA GLY A 281 6.60 15.49 -37.65
C GLY A 281 5.83 14.22 -37.94
N LEU A 282 6.59 13.13 -38.09
CA LEU A 282 6.04 11.78 -38.12
C LEU A 282 6.82 10.94 -37.16
N GLY A 283 6.11 10.11 -36.38
CA GLY A 283 6.79 9.17 -35.52
C GLY A 283 6.10 7.80 -35.48
N TYR A 284 6.88 6.85 -34.97
CA TYR A 284 6.49 5.44 -34.80
C TYR A 284 7.04 4.97 -33.44
N GLN A 285 6.24 4.24 -32.72
CA GLN A 285 6.60 3.66 -31.46
C GLN A 285 5.98 2.27 -31.26
N GLN A 286 6.76 1.43 -30.63
CA GLN A 286 6.33 0.08 -30.38
C GLN A 286 6.72 -0.40 -28.99
N ILE A 287 5.82 -1.11 -28.33
CA ILE A 287 6.11 -1.63 -27.03
C ILE A 287 6.23 -3.14 -27.22
N ILE A 288 7.27 -3.71 -26.62
CA ILE A 288 7.63 -5.17 -26.84
C ILE A 288 7.89 -5.90 -25.55
N GLY A 289 7.39 -7.13 -25.44
CA GLY A 289 7.55 -7.87 -24.23
C GLY A 289 6.23 -8.29 -23.65
N GLU A 290 6.32 -8.92 -22.51
CA GLU A 290 5.20 -9.46 -21.86
C GLU A 290 4.46 -8.48 -20.90
N SER A 291 4.86 -7.21 -20.82
CA SER A 291 4.11 -6.25 -20.01
C SER A 291 3.96 -4.94 -20.79
N ALA A 292 2.95 -4.14 -20.34
CA ALA A 292 2.92 -2.69 -20.64
C ALA A 292 4.23 -2.02 -20.15
N TYR A 293 4.58 -0.89 -20.78
CA TYR A 293 5.70 -0.07 -20.35
C TYR A 293 5.32 0.63 -19.03
N PRO A 294 6.07 0.43 -17.94
CA PRO A 294 5.70 1.00 -16.60
C PRO A 294 6.01 2.46 -16.39
N LEU A 295 5.19 3.11 -15.64
CA LEU A 295 5.38 4.49 -15.11
C LEU A 295 5.20 4.39 -13.58
N PRO A 296 5.97 5.15 -12.81
CA PRO A 296 5.78 5.26 -11.43
C PRO A 296 4.41 5.92 -11.09
N ASP A 297 3.92 5.65 -9.86
CA ASP A 297 2.68 6.26 -9.34
C ASP A 297 2.91 7.78 -9.24
N GLY A 298 1.86 8.52 -9.24
CA GLY A 298 1.94 9.99 -8.99
C GLY A 298 2.12 10.83 -10.26
N PHE A 299 1.79 10.17 -11.41
CA PHE A 299 1.57 10.83 -12.72
C PHE A 299 2.88 11.38 -13.27
N LEU A 300 4.00 10.74 -12.87
CA LEU A 300 5.33 11.19 -13.35
C LEU A 300 5.43 10.92 -14.83
N PRO A 301 5.52 11.97 -15.67
CA PRO A 301 5.46 11.65 -17.14
C PRO A 301 6.84 11.20 -17.62
N GLU A 302 6.87 10.46 -18.74
CA GLU A 302 8.16 10.02 -19.36
C GLU A 302 8.28 10.90 -20.58
N THR A 303 8.89 12.04 -20.30
CA THR A 303 9.09 13.13 -21.27
C THR A 303 10.07 12.82 -22.39
N TYR A 304 10.89 11.77 -22.21
CA TYR A 304 11.83 11.28 -23.25
C TYR A 304 11.28 10.27 -24.18
N PHE A 305 9.99 9.97 -24.04
CA PHE A 305 9.28 9.22 -25.07
C PHE A 305 9.26 10.17 -26.28
N ILE A 306 9.08 9.66 -27.52
CA ILE A 306 9.09 10.59 -28.76
C ILE A 306 7.90 11.62 -28.76
N ASN A 307 6.81 11.26 -28.13
CA ASN A 307 5.61 12.11 -28.02
C ASN A 307 4.77 11.89 -26.72
N TRP A 308 5.32 12.27 -25.55
CA TRP A 308 4.56 12.12 -24.26
C TRP A 308 3.23 12.98 -24.35
N ASN A 309 2.09 12.39 -24.06
CA ASN A 309 0.81 13.07 -24.29
C ASN A 309 -0.14 12.56 -23.21
N ALA A 310 -1.45 12.63 -23.42
CA ALA A 310 -2.40 12.39 -22.33
C ALA A 310 -2.55 10.96 -21.88
N THR A 311 -2.42 10.00 -22.84
CA THR A 311 -2.76 8.62 -22.66
C THR A 311 -1.51 7.69 -22.92
N GLY A 312 -0.62 8.06 -23.85
CA GLY A 312 0.79 7.59 -23.80
C GLY A 312 1.28 6.49 -24.81
N PHE A 313 0.28 5.69 -25.18
CA PHE A 313 0.34 4.62 -26.12
C PHE A 313 1.42 3.64 -25.67
N PHE A 314 1.44 3.30 -24.37
CA PHE A 314 2.51 2.45 -23.78
C PHE A 314 1.96 1.05 -23.36
N LYS A 315 0.82 0.67 -23.87
CA LYS A 315 0.22 -0.56 -23.48
C LYS A 315 0.92 -1.77 -24.18
N GLU A 316 0.75 -2.92 -23.55
CA GLU A 316 1.49 -4.13 -23.98
C GLU A 316 1.25 -4.46 -25.43
N ASP A 317 2.33 -4.63 -26.17
CA ASP A 317 2.27 -4.87 -27.59
C ASP A 317 1.86 -3.71 -28.49
N GLU A 318 1.63 -2.54 -27.93
CA GLU A 318 0.99 -1.47 -28.65
C GLU A 318 1.99 -0.85 -29.65
N LYS A 319 1.56 -0.83 -30.90
CA LYS A 319 2.18 -0.03 -31.97
C LYS A 319 1.33 1.27 -32.18
N SER A 320 2.07 2.37 -32.29
CA SER A 320 1.48 3.72 -32.58
C SER A 320 2.16 4.58 -33.70
N TYR A 321 1.33 5.33 -34.42
CA TYR A 321 1.68 6.16 -35.58
C TYR A 321 1.31 7.58 -35.24
N HIS A 322 2.33 8.46 -35.31
CA HIS A 322 2.26 9.83 -34.74
C HIS A 322 2.47 10.86 -35.85
N VAL A 323 1.65 11.89 -35.87
CA VAL A 323 1.77 12.93 -36.88
C VAL A 323 1.61 14.26 -36.19
N MET A 324 2.33 15.28 -36.68
N MET A 324 2.42 15.26 -36.58
CA MET A 324 2.40 16.56 -36.06
CA MET A 324 2.25 16.61 -36.08
C MET A 324 2.47 17.68 -37.15
C MET A 324 2.41 17.67 -37.19
N TYR A 325 1.63 18.74 -37.04
CA TYR A 325 1.77 19.95 -37.82
C TYR A 325 1.70 21.18 -36.94
N GLY A 326 2.63 22.12 -37.12
CA GLY A 326 2.82 23.31 -36.22
C GLY A 326 2.98 24.60 -37.09
N TYR A 327 2.36 25.72 -36.71
CA TYR A 327 2.66 27.00 -37.35
C TYR A 327 2.92 28.06 -36.32
N ASP A 328 4.06 28.74 -36.53
CA ASP A 328 4.44 29.86 -35.71
C ASP A 328 3.99 31.13 -36.48
N PHE A 329 3.02 31.86 -35.93
CA PHE A 329 2.41 32.98 -36.68
C PHE A 329 3.13 34.34 -36.61
N LYS A 330 4.37 34.43 -36.09
CA LYS A 330 5.15 35.71 -36.04
C LYS A 330 4.97 36.70 -37.27
N ASP A 331 4.83 36.23 -38.52
CA ASP A 331 4.66 37.18 -39.64
C ASP A 331 3.24 37.85 -39.66
N TYR A 332 2.14 37.16 -39.25
CA TYR A 332 0.79 37.81 -39.18
C TYR A 332 0.52 38.37 -37.75
N ILE A 333 0.66 37.52 -36.70
CA ILE A 333 0.34 37.88 -35.32
C ILE A 333 1.45 37.52 -34.31
N PRO A 334 2.33 38.52 -33.94
CA PRO A 334 3.45 38.06 -33.07
C PRO A 334 2.97 37.49 -31.76
N GLY A 335 3.72 36.54 -31.25
CA GLY A 335 3.40 35.83 -30.06
C GLY A 335 2.34 34.76 -30.21
N LEU A 336 1.70 34.57 -31.36
CA LEU A 336 0.80 33.43 -31.56
C LEU A 336 1.42 32.19 -32.33
N ASN A 337 1.26 31.03 -31.72
CA ASN A 337 1.54 29.73 -32.35
C ASN A 337 0.55 28.60 -31.93
N ALA A 338 0.43 27.67 -32.86
CA ALA A 338 -0.51 26.60 -32.81
C ALA A 338 0.21 25.31 -33.24
N MET A 339 -0.23 24.24 -32.63
CA MET A 339 0.24 22.87 -32.90
C MET A 339 -0.89 21.85 -32.79
N VAL A 340 -1.01 21.02 -33.80
CA VAL A 340 -1.94 19.90 -33.82
C VAL A 340 -1.13 18.53 -33.91
N LYS A 341 -1.50 17.57 -33.13
CA LYS A 341 -0.87 16.20 -33.12
C LYS A 341 -1.99 15.17 -33.14
N TYR A 342 -1.83 14.06 -33.86
CA TYR A 342 -2.78 12.96 -33.98
C TYR A 342 -1.98 11.61 -33.83
N VAL A 343 -2.42 10.69 -32.99
CA VAL A 343 -1.84 9.38 -32.80
C VAL A 343 -2.91 8.32 -32.90
N TYR A 344 -2.60 7.23 -33.62
CA TYR A 344 -3.37 6.03 -33.64
C TYR A 344 -2.49 4.90 -33.09
N GLY A 345 -3.08 4.07 -32.24
CA GLY A 345 -2.43 2.93 -31.61
C GLY A 345 -3.33 1.68 -31.79
N HIS A 346 -2.69 0.52 -32.02
CA HIS A 346 -3.40 -0.77 -32.22
C HIS A 346 -2.52 -1.92 -31.81
N ASP A 347 -2.99 -3.13 -32.06
CA ASP A 347 -2.26 -4.37 -31.69
C ASP A 347 -2.03 -4.64 -30.17
N PHE A 348 -2.73 -3.86 -29.35
CA PHE A 348 -2.87 -4.17 -27.93
C PHE A 348 -4.28 -4.80 -27.70
N LYS A 349 -4.40 -5.45 -26.55
CA LYS A 349 -5.66 -6.09 -26.09
C LYS A 349 -6.24 -5.33 -24.97
N ALA A 350 -7.55 -5.26 -24.97
CA ALA A 350 -8.32 -4.92 -23.76
C ALA A 350 -8.28 -6.00 -22.67
N ALA A 351 -8.70 -5.63 -21.47
CA ALA A 351 -8.88 -6.58 -20.33
C ALA A 351 -9.64 -7.87 -20.67
N ASN A 352 -10.79 -7.79 -21.34
CA ASN A 352 -11.50 -9.00 -21.88
C ASN A 352 -10.70 -9.82 -22.90
N GLY A 353 -9.49 -9.43 -23.30
CA GLY A 353 -8.75 -10.17 -24.38
C GLY A 353 -9.09 -9.84 -25.83
N GLU A 354 -9.91 -8.81 -26.05
CA GLU A 354 -10.34 -8.37 -27.39
C GLU A 354 -9.36 -7.39 -27.94
N LYS A 355 -9.23 -7.42 -29.27
CA LYS A 355 -8.29 -6.58 -29.99
C LYS A 355 -8.78 -5.14 -29.85
N ASN A 356 -7.85 -4.22 -29.54
CA ASN A 356 -8.24 -2.86 -29.30
C ASN A 356 -7.49 -1.89 -30.18
N HIS A 357 -8.03 -0.66 -30.29
CA HIS A 357 -7.35 0.41 -30.95
C HIS A 357 -7.79 1.72 -30.39
N GLU A 358 -6.93 2.74 -30.51
CA GLU A 358 -7.30 4.05 -29.89
C GLU A 358 -6.65 5.21 -30.63
N THR A 359 -7.22 6.38 -30.49
CA THR A 359 -6.72 7.58 -31.11
C THR A 359 -6.67 8.70 -30.13
N GLU A 360 -5.71 9.59 -30.28
CA GLU A 360 -5.67 10.83 -29.44
C GLU A 360 -5.26 12.01 -30.31
N SER A 361 -6.06 13.06 -30.31
CA SER A 361 -5.73 14.33 -30.96
C SER A 361 -5.46 15.38 -29.89
N ASN A 362 -4.57 16.28 -30.16
CA ASN A 362 -4.23 17.41 -29.35
C ASN A 362 -4.20 18.69 -30.22
N VAL A 363 -4.75 19.78 -29.69
CA VAL A 363 -4.62 21.12 -30.27
C VAL A 363 -4.02 22.03 -29.15
N ILE A 364 -2.94 22.79 -29.44
CA ILE A 364 -2.17 23.60 -28.48
C ILE A 364 -2.04 24.97 -29.14
N LEU A 365 -2.65 25.97 -28.47
CA LEU A 365 -2.65 27.35 -28.90
C LEU A 365 -1.86 28.17 -27.82
N ASN A 366 -0.83 28.96 -28.23
CA ASN A 366 -0.07 29.81 -27.34
C ASN A 366 -0.16 31.25 -27.83
N TYR A 367 -0.45 32.20 -26.94
CA TYR A 367 -0.46 33.61 -27.29
C TYR A 367 0.34 34.33 -26.20
N ALA A 368 1.52 34.88 -26.52
CA ALA A 368 2.27 35.67 -25.55
C ALA A 368 1.84 37.19 -25.85
N PHE A 369 1.40 37.92 -24.86
CA PHE A 369 0.98 39.27 -25.09
C PHE A 369 2.19 40.14 -25.38
N GLN A 370 2.01 41.08 -26.30
CA GLN A 370 3.11 41.89 -26.81
C GLN A 370 3.14 43.31 -26.27
N GLN A 371 2.06 43.84 -25.71
CA GLN A 371 2.07 45.17 -25.15
C GLN A 371 3.04 45.21 -23.94
N PRO A 372 3.93 46.20 -23.93
CA PRO A 372 4.78 46.37 -22.70
C PRO A 372 4.03 46.36 -21.33
N LEU A 373 2.85 46.98 -21.25
CA LEU A 373 1.98 46.89 -20.06
C LEU A 373 1.75 45.46 -19.56
N LEU A 374 1.65 44.51 -20.48
CA LEU A 374 1.27 43.16 -20.29
C LEU A 374 2.41 42.17 -20.43
N LYS A 375 3.64 42.68 -20.31
CA LYS A 375 4.82 41.86 -20.39
C LYS A 375 4.90 40.74 -19.30
N GLY A 376 5.13 39.49 -19.74
CA GLY A 376 5.13 38.30 -18.95
C GLY A 376 3.77 37.55 -18.90
N PHE A 377 2.66 38.17 -19.36
CA PHE A 377 1.38 37.44 -19.49
C PHE A 377 1.33 36.64 -20.77
N ALA A 378 0.69 35.48 -20.67
CA ALA A 378 0.46 34.60 -21.83
C ALA A 378 -0.86 33.87 -21.63
N LEU A 379 -1.46 33.38 -22.73
CA LEU A 379 -2.56 32.47 -22.67
C LEU A 379 -2.16 31.15 -23.36
N GLN A 380 -2.74 30.06 -22.86
CA GLN A 380 -2.58 28.76 -23.46
C GLN A 380 -3.85 28.01 -23.30
N TYR A 381 -4.25 27.40 -24.42
CA TYR A 381 -5.39 26.53 -24.57
C TYR A 381 -4.92 25.17 -25.22
N ILE A 382 -5.35 24.10 -24.56
CA ILE A 382 -5.08 22.74 -24.94
C ILE A 382 -6.39 21.96 -25.03
N ARG A 383 -6.58 21.31 -26.16
CA ARG A 383 -7.75 20.47 -26.39
C ARG A 383 -7.30 19.02 -26.66
N ILE A 384 -7.76 18.08 -25.83
CA ILE A 384 -7.52 16.65 -26.01
C ILE A 384 -8.79 15.91 -26.33
N ASP A 385 -8.76 15.15 -27.38
CA ASP A 385 -9.82 14.15 -27.69
C ASP A 385 -9.19 12.75 -27.82
N TYR A 386 -9.68 11.84 -26.94
CA TYR A 386 -9.29 10.45 -26.87
C TYR A 386 -10.45 9.58 -27.22
N ASN A 387 -10.22 8.60 -28.06
CA ASN A 387 -11.21 7.56 -28.34
C ASN A 387 -10.58 6.16 -28.43
N VAL A 388 -11.37 5.15 -28.08
CA VAL A 388 -10.88 3.78 -27.91
C VAL A 388 -12.01 2.85 -28.23
N LYS A 389 -11.76 1.72 -28.92
CA LYS A 389 -12.87 0.80 -29.15
C LYS A 389 -13.45 0.11 -27.84
N HIS A 390 -12.57 -0.41 -26.99
CA HIS A 390 -12.96 -0.84 -25.61
C HIS A 390 -12.30 0.04 -24.53
N GLY A 391 -13.11 0.81 -23.84
CA GLY A 391 -12.64 1.78 -22.88
C GLY A 391 -13.50 3.06 -22.94
N ASN A 392 -12.97 4.09 -22.24
CA ASN A 392 -13.71 5.31 -22.02
C ASN A 392 -13.26 6.48 -22.85
N ASP A 393 -14.13 6.93 -23.76
CA ASP A 393 -13.82 8.07 -24.63
C ASP A 393 -13.89 9.36 -23.81
N PHE A 394 -13.04 10.37 -24.09
CA PHE A 394 -13.21 11.66 -23.46
C PHE A 394 -12.73 12.90 -24.27
N GLY A 395 -13.23 14.05 -23.86
CA GLY A 395 -12.76 15.38 -24.33
C GLY A 395 -12.31 16.20 -23.15
N GLU A 396 -11.11 16.76 -23.24
CA GLU A 396 -10.50 17.52 -22.20
C GLU A 396 -10.09 18.88 -22.70
N ASP A 397 -10.53 19.92 -21.94
CA ASP A 397 -10.09 21.29 -22.12
C ASP A 397 -9.17 21.74 -21.00
N ARG A 398 -8.11 22.45 -21.37
CA ARG A 398 -7.20 23.08 -20.43
C ARG A 398 -6.95 24.49 -20.90
N LEU A 399 -7.16 25.44 -19.98
CA LEU A 399 -7.08 26.87 -20.27
C LEU A 399 -6.30 27.53 -19.20
N PHE A 400 -5.25 28.24 -19.60
CA PHE A 400 -4.28 28.77 -18.64
C PHE A 400 -4.08 30.24 -18.92
N VAL A 401 -4.03 31.04 -17.85
CA VAL A 401 -3.50 32.37 -17.94
C VAL A 401 -2.29 32.39 -17.05
N ASN A 402 -1.14 32.58 -17.67
CA ASN A 402 0.19 32.50 -17.06
C ASN A 402 0.82 33.84 -16.96
N TYR A 403 1.50 34.08 -15.86
CA TYR A 403 2.35 35.25 -15.71
C TYR A 403 3.69 34.79 -15.20
N THR A 404 4.75 35.31 -15.79
CA THR A 404 6.16 34.94 -15.51
C THR A 404 6.99 36.22 -15.40
N LYS A 405 7.70 36.38 -14.31
CA LYS A 405 8.65 37.47 -14.24
C LYS A 405 9.97 37.00 -13.64
N LYS A 406 11.04 37.32 -14.37
CA LYS A 406 12.40 36.78 -14.14
C LYS A 406 13.25 38.00 -13.85
N PHE A 407 14.06 37.89 -12.80
CA PHE A 407 14.72 39.07 -12.20
C PHE A 407 15.84 38.52 -11.27
N ASN B 17 9.18 -6.10 15.04
CA ASN B 17 10.58 -6.52 15.10
C ASN B 17 11.24 -6.12 16.51
N PRO B 18 11.46 -7.11 17.44
CA PRO B 18 11.60 -6.92 18.88
C PRO B 18 12.81 -6.09 19.29
N ASN B 19 12.65 -5.29 20.35
CA ASN B 19 13.61 -4.29 20.76
C ASN B 19 13.81 -3.10 19.79
N GLN B 20 12.90 -2.82 18.86
CA GLN B 20 13.06 -1.68 17.89
C GLN B 20 11.96 -0.61 18.06
N GLN B 21 11.15 -0.66 19.13
CA GLN B 21 10.19 0.42 19.52
C GLN B 21 10.85 1.64 20.30
N THR B 22 10.78 2.85 19.70
CA THR B 22 11.37 4.12 20.18
C THR B 22 10.41 5.22 20.75
N GLU B 23 9.09 5.10 20.60
CA GLU B 23 8.11 5.94 21.34
C GLU B 23 7.02 5.07 21.96
N ASP B 24 6.67 5.36 23.21
CA ASP B 24 5.42 4.91 23.86
C ASP B 24 4.21 4.78 22.96
N GLU B 25 3.44 3.69 23.16
CA GLU B 25 2.19 3.49 22.41
C GLU B 25 1.05 3.29 23.40
N TRP B 26 -0.02 4.00 23.15
CA TRP B 26 -1.18 3.98 23.99
C TRP B 26 -2.27 3.63 23.07
N LYS B 27 -3.23 2.85 23.55
CA LYS B 27 -4.44 2.63 22.80
C LYS B 27 -5.68 2.65 23.71
N PHE B 28 -6.73 3.36 23.26
CA PHE B 28 -7.95 3.59 24.04
C PHE B 28 -9.03 3.03 23.23
N THR B 29 -9.92 2.23 23.84
CA THR B 29 -11.02 1.71 23.11
C THR B 29 -12.39 1.81 23.88
N LEU B 30 -13.47 1.73 23.10
CA LEU B 30 -14.77 1.51 23.67
C LEU B 30 -15.36 0.52 22.77
N LYS B 31 -16.15 -0.35 23.38
CA LYS B 31 -16.93 -1.29 22.68
C LYS B 31 -18.35 -1.49 23.31
N ASN B 32 -19.35 -1.32 22.47
CA ASN B 32 -20.73 -1.66 22.67
C ASN B 32 -21.02 -2.93 21.82
N ALA B 33 -21.35 -4.01 22.53
CA ALA B 33 -21.49 -5.32 21.94
C ALA B 33 -22.81 -5.93 22.24
N TYR B 34 -23.54 -6.24 21.21
CA TYR B 34 -24.75 -6.97 21.34
C TYR B 34 -24.48 -8.39 20.63
N ILE B 35 -24.65 -9.45 21.39
CA ILE B 35 -24.41 -10.78 20.85
C ILE B 35 -25.53 -11.61 21.24
N ASN B 36 -26.12 -12.26 20.25
CA ASN B 36 -27.25 -13.11 20.52
C ASN B 36 -27.17 -14.46 19.74
N ARG B 37 -27.21 -15.58 20.49
CA ARG B 37 -27.34 -16.92 19.86
C ARG B 37 -28.69 -17.51 20.11
N ASP B 38 -29.51 -17.59 19.06
CA ASP B 38 -30.81 -18.14 19.03
C ASP B 38 -30.80 -19.60 18.43
N PHE B 39 -30.94 -20.60 19.31
CA PHE B 39 -31.12 -21.95 18.83
C PHE B 39 -32.53 -22.12 18.21
N ASP B 40 -32.64 -22.78 17.04
CA ASP B 40 -33.97 -23.11 16.37
C ASP B 40 -34.93 -23.95 17.31
N ASN B 41 -34.37 -24.97 17.94
CA ASN B 41 -35.14 -25.79 18.87
C ASN B 41 -35.54 -25.00 20.20
N ASP B 42 -36.84 -24.80 20.32
CA ASP B 42 -37.58 -24.28 21.54
C ASP B 42 -37.19 -24.78 22.94
N ALA B 43 -36.78 -26.03 23.09
CA ALA B 43 -36.33 -26.53 24.36
C ALA B 43 -34.94 -25.99 24.76
N LEU B 44 -34.25 -25.21 23.88
CA LEU B 44 -32.93 -24.75 24.32
C LEU B 44 -32.99 -23.31 24.73
N LYS B 45 -32.10 -22.95 25.65
CA LYS B 45 -31.95 -21.58 26.06
C LYS B 45 -31.13 -20.79 25.02
N ASP B 46 -31.71 -19.78 24.41
CA ASP B 46 -30.97 -18.70 23.73
C ASP B 46 -29.99 -17.94 24.70
N THR B 47 -28.82 -17.59 24.19
CA THR B 47 -27.76 -17.11 25.06
C THR B 47 -27.31 -15.81 24.45
N GLY B 48 -26.57 -15.08 25.25
CA GLY B 48 -26.06 -13.79 24.83
C GLY B 48 -26.05 -12.65 25.84
N SER B 49 -25.66 -11.48 25.37
CA SER B 49 -25.75 -10.29 26.27
C SER B 49 -25.58 -8.99 25.42
N TRP B 50 -25.97 -7.85 26.00
CA TRP B 50 -25.60 -6.50 25.48
C TRP B 50 -24.71 -5.88 26.53
N SER B 51 -23.54 -5.34 26.13
CA SER B 51 -22.56 -4.81 27.20
C SER B 51 -21.77 -3.60 26.67
N GLN B 52 -21.24 -2.81 27.59
CA GLN B 52 -20.40 -1.73 27.17
C GLN B 52 -19.15 -1.73 27.91
N ALA B 53 -18.08 -1.50 27.12
CA ALA B 53 -16.73 -1.50 27.67
C ALA B 53 -15.90 -0.30 27.35
N ALA B 54 -14.96 -0.11 28.17
CA ALA B 54 -13.91 0.82 27.90
C ALA B 54 -12.58 0.14 28.32
N SER B 55 -11.52 0.37 27.51
CA SER B 55 -10.17 -0.18 27.87
C SER B 55 -9.00 0.71 27.44
N LEU B 56 -7.88 0.48 28.10
CA LEU B 56 -6.65 1.17 27.87
C LEU B 56 -5.41 0.21 27.87
N PHE B 57 -4.55 0.37 26.84
CA PHE B 57 -3.30 -0.42 26.69
C PHE B 57 -2.15 0.49 26.52
N TYR B 58 -1.11 0.18 27.23
CA TYR B 58 0.09 0.94 27.18
C TYR B 58 1.28 -0.01 26.81
N LYS B 59 2.17 0.46 25.91
CA LYS B 59 3.42 -0.24 25.58
C LYS B 59 4.49 0.71 25.59
N SER B 60 5.35 0.68 26.59
CA SER B 60 6.49 1.56 26.61
C SER B 60 7.52 1.34 25.50
N LYS B 61 8.24 2.41 25.22
CA LYS B 61 9.37 2.37 24.33
C LYS B 61 10.44 1.65 25.14
N MET B 62 11.48 1.20 24.43
CA MET B 62 12.66 0.58 25.09
C MET B 62 13.66 1.66 25.46
N HIS B 63 14.05 1.69 26.72
CA HIS B 63 15.02 2.63 27.26
C HIS B 63 16.44 1.97 27.38
N ASP B 64 17.45 2.62 26.81
CA ASP B 64 18.82 2.20 26.97
C ASP B 64 19.20 2.28 28.45
N THR B 65 19.77 1.22 29.00
CA THR B 65 20.42 1.21 30.28
C THR B 65 21.87 1.55 30.10
N PRO B 66 22.56 1.86 31.19
CA PRO B 66 24.01 2.07 31.16
C PRO B 66 24.97 0.84 30.79
N LEU B 67 24.41 -0.38 30.75
CA LEU B 67 25.10 -1.60 30.31
C LEU B 67 25.14 -1.67 28.81
N VAL B 68 26.32 -1.76 28.25
CA VAL B 68 26.50 -1.94 26.84
C VAL B 68 27.42 -3.20 26.66
N ILE B 69 26.90 -4.21 25.93
CA ILE B 69 27.63 -5.47 25.66
C ILE B 69 27.95 -5.52 24.20
N ALA B 70 29.22 -5.73 23.87
CA ALA B 70 29.70 -5.67 22.47
C ALA B 70 28.90 -4.65 21.56
N ASP B 71 28.97 -3.37 22.08
CA ASP B 71 28.55 -2.14 21.40
C ASP B 71 27.06 -1.88 21.28
N LYS B 72 26.27 -2.73 21.92
CA LYS B 72 24.88 -2.64 21.91
C LYS B 72 24.34 -2.61 23.37
N PRO B 73 23.42 -1.68 23.65
CA PRO B 73 22.90 -1.59 25.00
C PRO B 73 21.91 -2.68 25.43
N ILE B 74 21.97 -3.09 26.67
CA ILE B 74 20.83 -3.81 27.29
C ILE B 74 19.70 -2.78 27.47
N THR B 75 18.49 -3.10 27.07
CA THR B 75 17.37 -2.16 27.15
C THR B 75 16.26 -2.64 28.08
N ILE B 76 15.40 -1.71 28.51
CA ILE B 76 14.39 -1.98 29.52
C ILE B 76 13.11 -1.23 29.21
N GLY B 77 12.00 -1.89 29.58
CA GLY B 77 10.66 -1.49 29.17
C GLY B 77 9.55 -2.15 30.00
N ALA B 78 8.32 -1.70 29.73
CA ALA B 78 7.13 -2.16 30.48
C ALA B 78 5.86 -1.93 29.66
N ASP B 79 4.92 -2.87 29.76
CA ASP B 79 3.57 -2.76 29.28
C ASP B 79 2.52 -2.89 30.42
N ALA B 80 1.31 -2.48 30.12
CA ALA B 80 0.19 -2.54 31.04
C ALA B 80 -1.10 -2.48 30.29
N SER B 81 -2.13 -3.05 30.89
CA SER B 81 -3.47 -3.05 30.30
C SER B 81 -4.56 -3.02 31.39
N VAL B 82 -5.72 -2.50 30.98
CA VAL B 82 -6.92 -2.55 31.83
C VAL B 82 -8.15 -2.56 30.92
N GLN B 83 -9.05 -3.49 31.20
CA GLN B 83 -10.25 -3.63 30.43
C GLN B 83 -11.48 -3.79 31.34
N TYR B 84 -12.56 -3.07 31.03
CA TYR B 84 -13.80 -2.96 31.93
C TYR B 84 -15.09 -3.03 31.10
N ALA B 85 -15.97 -3.97 31.42
CA ALA B 85 -17.25 -4.01 30.73
C ALA B 85 -18.48 -4.09 31.70
N VAL B 86 -19.65 -3.56 31.32
CA VAL B 86 -20.77 -3.51 32.24
C VAL B 86 -21.82 -4.20 31.42
N ARG B 87 -22.59 -5.14 32.02
CA ARG B 87 -23.73 -5.69 31.31
C ARG B 87 -24.92 -4.66 31.29
N LEU B 88 -25.50 -4.51 30.10
CA LEU B 88 -26.69 -3.68 29.93
C LEU B 88 -28.01 -4.46 29.81
N SER B 89 -27.92 -5.67 29.24
CA SER B 89 -29.04 -6.50 29.04
C SER B 89 -29.52 -7.12 30.44
N SER B 90 -30.72 -7.68 30.41
CA SER B 90 -31.24 -8.43 31.59
C SER B 90 -30.51 -9.81 31.59
N ASP B 91 -30.45 -10.36 32.82
CA ASP B 91 -29.82 -11.69 33.18
C ASP B 91 -30.63 -12.77 32.49
N LYS B 92 -30.03 -13.42 31.53
CA LYS B 92 -30.56 -14.67 30.97
C LYS B 92 -30.33 -15.95 31.86
N HIS B 93 -29.49 -15.93 32.86
CA HIS B 93 -29.26 -17.18 33.70
C HIS B 93 -28.72 -18.37 32.99
N VAL B 94 -27.95 -18.16 31.95
CA VAL B 94 -27.20 -19.18 31.17
C VAL B 94 -25.90 -18.49 30.63
N ALA B 95 -24.80 -19.25 30.51
CA ALA B 95 -23.45 -18.79 30.07
C ALA B 95 -23.61 -18.38 28.68
N ASP B 96 -23.01 -17.25 28.31
CA ASP B 96 -22.97 -16.79 26.90
C ASP B 96 -21.54 -16.83 26.31
N THR B 97 -20.49 -17.13 27.11
CA THR B 97 -19.11 -17.18 26.59
C THR B 97 -18.60 -15.77 26.22
N VAL B 98 -19.26 -14.73 26.71
CA VAL B 98 -18.88 -13.28 26.52
C VAL B 98 -18.38 -12.62 27.81
N LEU B 99 -19.20 -12.80 28.84
CA LEU B 99 -19.04 -12.23 30.15
C LEU B 99 -18.94 -13.45 31.12
N PRO B 100 -18.45 -13.23 32.32
CA PRO B 100 -18.36 -14.39 33.20
C PRO B 100 -19.75 -14.89 33.52
N PHE B 101 -19.79 -16.14 34.00
CA PHE B 101 -20.98 -16.78 34.38
C PHE B 101 -20.80 -17.39 35.74
N ASN B 102 -21.63 -17.04 36.75
CA ASN B 102 -21.43 -17.60 38.10
C ASN B 102 -22.40 -18.83 38.27
N LYS B 103 -21.84 -20.04 38.29
CA LYS B 103 -22.65 -21.30 38.38
C LYS B 103 -23.30 -21.55 39.69
N GLU B 104 -22.84 -20.91 40.80
CA GLU B 104 -23.53 -21.06 42.08
C GLU B 104 -24.79 -20.21 42.03
N THR B 105 -24.78 -18.98 41.46
CA THR B 105 -25.95 -18.10 41.52
C THR B 105 -26.81 -18.29 40.28
N GLN B 106 -26.27 -18.99 39.28
CA GLN B 106 -26.94 -19.16 37.99
C GLN B 106 -27.23 -17.75 37.32
N SER B 107 -26.27 -16.86 37.50
CA SER B 107 -26.32 -15.48 37.07
C SER B 107 -25.13 -14.97 36.19
N GLN B 108 -25.46 -14.34 35.08
CA GLN B 108 -24.41 -13.64 34.29
C GLN B 108 -23.87 -12.45 35.13
N ALA B 109 -22.60 -12.24 35.06
CA ALA B 109 -22.03 -11.15 35.80
C ALA B 109 -22.63 -9.79 35.41
N SER B 110 -22.69 -8.91 36.39
CA SER B 110 -23.18 -7.62 36.16
C SER B 110 -22.13 -6.74 35.51
N ASP B 111 -20.83 -6.99 35.84
CA ASP B 111 -19.70 -6.27 35.22
C ASP B 111 -18.45 -7.18 35.40
N TYR B 112 -17.38 -6.90 34.62
CA TYR B 112 -16.09 -7.51 34.84
C TYR B 112 -14.89 -6.67 34.47
N LEU B 113 -13.82 -6.91 35.22
CA LEU B 113 -12.58 -6.16 35.11
C LEU B 113 -11.42 -7.11 34.80
N LYS B 114 -10.62 -6.75 33.79
CA LYS B 114 -9.33 -7.39 33.60
C LYS B 114 -8.17 -6.35 33.73
N TYR B 115 -6.96 -6.81 34.16
CA TYR B 115 -5.80 -5.95 34.16
C TYR B 115 -4.52 -6.83 34.17
N GLY B 116 -3.44 -6.21 33.73
CA GLY B 116 -2.17 -6.90 33.76
C GLY B 116 -1.03 -6.01 33.44
N ALA B 117 0.19 -6.52 33.61
CA ALA B 117 1.36 -5.74 33.32
C ALA B 117 2.50 -6.67 32.92
N THR B 118 3.50 -6.06 32.28
CA THR B 118 4.65 -6.74 31.70
C THR B 118 5.96 -5.98 31.88
N LEU B 119 7.02 -6.77 32.20
CA LEU B 119 8.42 -6.33 32.22
C LEU B 119 9.11 -6.79 30.94
N LYS B 120 9.80 -5.87 30.27
CA LYS B 120 10.58 -6.14 29.06
C LYS B 120 12.07 -5.84 29.23
N LEU B 121 12.88 -6.74 28.72
CA LEU B 121 14.35 -6.60 28.61
C LEU B 121 14.86 -6.94 27.23
N GLY B 122 15.60 -6.03 26.59
CA GLY B 122 16.01 -6.28 25.19
C GLY B 122 17.50 -6.20 25.01
N TYR B 123 18.03 -6.87 23.99
CA TYR B 123 19.45 -6.72 23.61
C TYR B 123 19.44 -6.85 22.10
N ASP B 124 19.97 -5.88 21.35
CA ASP B 124 20.09 -5.97 19.84
C ASP B 124 18.73 -6.30 19.12
N LYS B 125 18.56 -7.53 18.62
CA LYS B 125 17.30 -7.97 18.01
C LYS B 125 16.53 -9.06 18.81
N THR B 126 16.69 -9.04 20.13
CA THR B 126 16.10 -10.01 21.01
C THR B 126 15.29 -9.31 22.16
N LEU B 127 14.17 -9.89 22.56
CA LEU B 127 13.32 -9.35 23.65
C LEU B 127 12.74 -10.41 24.56
N LEU B 128 13.01 -10.25 25.86
CA LEU B 128 12.49 -11.09 26.97
C LEU B 128 11.28 -10.36 27.56
N SER B 129 10.15 -11.04 27.64
CA SER B 129 8.97 -10.46 28.32
C SER B 129 8.52 -11.33 29.46
N VAL B 130 8.22 -10.70 30.58
CA VAL B 130 7.79 -11.41 31.73
C VAL B 130 6.49 -10.78 32.26
N GLY B 131 5.40 -11.57 32.29
CA GLY B 131 4.14 -11.21 33.00
C GLY B 131 3.03 -11.37 31.97
N GLU B 132 2.26 -10.32 31.67
CA GLU B 132 1.21 -10.45 30.64
C GLU B 132 1.75 -10.49 29.24
N LEU B 133 1.29 -11.47 28.43
CA LEU B 133 1.66 -11.66 27.02
C LEU B 133 0.44 -11.71 26.08
N TRP B 134 0.58 -10.97 25.03
CA TRP B 134 -0.44 -10.84 24.01
C TRP B 134 0.15 -11.75 22.96
N LEU B 135 -0.20 -13.02 22.96
CA LEU B 135 0.33 -13.97 22.02
C LEU B 135 -0.45 -14.07 20.71
N ASP B 136 0.28 -14.38 19.61
CA ASP B 136 -0.29 -14.64 18.33
C ASP B 136 0.32 -15.89 17.72
N LEU B 137 -0.12 -17.03 18.19
CA LEU B 137 0.49 -18.33 17.94
C LEU B 137 -0.53 -19.38 17.78
N PRO B 138 -0.10 -20.49 17.17
CA PRO B 138 -0.90 -21.70 17.41
C PRO B 138 -1.21 -21.85 18.91
N VAL B 139 -2.35 -22.41 19.27
CA VAL B 139 -2.82 -22.54 20.65
C VAL B 139 -3.32 -21.20 21.38
N THR B 140 -2.43 -20.22 21.45
CA THR B 140 -2.53 -19.00 22.20
C THR B 140 -2.56 -17.79 21.21
N ALA B 141 -3.76 -17.59 20.74
CA ALA B 141 -4.12 -16.39 19.93
C ALA B 141 -4.81 -15.21 20.81
N VAL B 142 -4.74 -13.99 20.33
CA VAL B 142 -5.67 -12.91 20.83
C VAL B 142 -7.12 -12.95 20.19
N ASP B 143 -8.05 -13.20 21.11
CA ASP B 143 -9.42 -13.50 20.86
C ASP B 143 -10.20 -12.16 21.19
N ALA B 144 -10.54 -11.48 20.08
CA ALA B 144 -11.34 -10.30 20.07
C ALA B 144 -12.69 -10.50 19.44
N SER B 145 -13.19 -11.71 19.35
CA SER B 145 -14.51 -11.99 18.72
C SER B 145 -15.80 -11.50 19.62
N ARG B 146 -15.57 -11.31 20.92
CA ARG B 146 -16.72 -11.03 21.86
C ARG B 146 -16.59 -9.65 22.49
N GLN B 147 -16.43 -9.51 23.80
CA GLN B 147 -16.30 -8.21 24.41
C GLN B 147 -14.90 -7.98 24.87
N LEU B 148 -14.54 -8.39 26.08
CA LEU B 148 -13.15 -8.10 26.49
C LEU B 148 -12.23 -9.21 25.80
N LEU B 149 -10.91 -9.02 25.90
CA LEU B 149 -9.89 -9.74 25.09
C LEU B 149 -9.11 -10.80 25.87
N THR B 150 -8.86 -11.97 25.31
CA THR B 150 -8.00 -12.98 26.00
C THR B 150 -6.52 -12.53 26.03
N SER B 151 -5.87 -12.75 27.11
CA SER B 151 -4.43 -12.64 27.21
C SER B 151 -3.87 -13.78 28.10
N TYR B 152 -2.52 -13.83 28.26
CA TYR B 152 -1.85 -15.00 28.80
C TYR B 152 -0.76 -14.46 29.83
N TRP B 153 -0.27 -15.34 30.71
CA TRP B 153 0.68 -14.99 31.70
C TRP B 153 1.83 -15.96 31.70
N GLY B 154 3.01 -15.41 31.53
CA GLY B 154 4.27 -16.26 31.57
C GLY B 154 5.52 -15.52 31.08
N THR B 155 6.42 -16.24 30.41
CA THR B 155 7.65 -15.63 29.98
C THR B 155 7.97 -16.05 28.58
N ASN B 156 8.47 -15.12 27.77
CA ASN B 156 8.87 -15.52 26.42
C ASN B 156 10.07 -14.76 25.92
N LEU B 157 10.69 -15.30 24.88
CA LEU B 157 11.91 -14.73 24.35
C LEU B 157 11.74 -14.74 22.85
N LYS B 158 11.90 -13.56 22.24
CA LYS B 158 11.72 -13.35 20.81
C LYS B 158 13.04 -12.86 20.17
N SER B 159 13.43 -13.47 19.06
CA SER B 159 14.66 -13.08 18.43
C SER B 159 14.62 -13.09 16.90
N GLN B 160 15.06 -12.00 16.28
CA GLN B 160 15.30 -12.02 14.83
C GLN B 160 16.72 -12.47 14.58
N LEU B 161 16.96 -13.78 14.42
CA LEU B 161 18.32 -14.36 14.47
C LEU B 161 19.09 -14.10 13.18
N SER B 162 18.41 -13.94 12.05
CA SER B 162 19.02 -13.43 10.79
C SER B 162 17.88 -12.71 10.08
N ASP B 163 18.18 -12.17 8.92
CA ASP B 163 17.14 -11.50 8.07
C ASP B 163 15.98 -12.46 7.72
N GLN B 164 16.30 -13.75 7.56
CA GLN B 164 15.29 -14.73 7.25
C GLN B 164 14.69 -15.53 8.42
N LEU B 165 15.44 -15.72 9.51
CA LEU B 165 14.94 -16.51 10.62
C LEU B 165 14.56 -15.69 11.88
N TYR B 166 13.29 -15.81 12.25
CA TYR B 166 12.69 -15.31 13.50
C TYR B 166 12.42 -16.54 14.41
N ALA B 167 12.76 -16.45 15.70
CA ALA B 167 12.52 -17.52 16.66
C ALA B 167 11.92 -17.00 17.93
N GLU B 168 11.05 -17.81 18.55
CA GLU B 168 10.42 -17.46 19.78
C GLU B 168 10.24 -18.71 20.65
N ILE B 169 10.56 -18.60 21.93
CA ILE B 169 10.26 -19.67 22.89
C ILE B 169 9.61 -19.01 24.09
N GLY B 170 8.90 -19.83 24.84
CA GLY B 170 8.20 -19.35 25.99
C GLY B 170 7.64 -20.45 26.87
N ARG B 171 7.33 -20.04 28.08
CA ARG B 171 6.56 -20.88 28.96
C ARG B 171 5.38 -20.07 29.47
N VAL B 172 4.19 -20.56 29.14
CA VAL B 172 2.94 -19.90 29.43
C VAL B 172 2.19 -20.65 30.60
N GLU B 173 2.15 -20.03 31.78
CA GLU B 173 1.60 -20.65 33.02
C GLU B 173 0.12 -20.53 33.18
N LYS B 174 -0.45 -19.41 32.64
CA LYS B 174 -1.84 -19.13 32.79
C LYS B 174 -2.46 -18.40 31.65
N VAL B 175 -3.78 -18.50 31.58
CA VAL B 175 -4.59 -17.81 30.61
C VAL B 175 -5.72 -17.08 31.28
N SER B 176 -6.02 -15.87 30.78
CA SER B 176 -7.25 -15.13 31.18
C SER B 176 -8.18 -15.15 30.01
N PRO B 177 -9.13 -16.07 29.95
CA PRO B 177 -10.05 -16.18 28.77
C PRO B 177 -10.92 -14.86 28.53
N ARG B 178 -11.40 -14.69 27.31
CA ARG B 178 -12.18 -13.46 26.92
C ARG B 178 -13.28 -13.08 27.92
N ASN B 179 -13.94 -14.07 28.45
CA ASN B 179 -15.04 -13.92 29.34
C ASN B 179 -14.72 -14.12 30.80
N GLU B 180 -13.49 -13.82 31.25
CA GLU B 180 -13.13 -13.99 32.64
C GLU B 180 -12.17 -12.91 33.16
N GLU B 181 -12.19 -12.73 34.48
CA GLU B 181 -11.37 -11.72 35.11
C GLU B 181 -9.95 -12.17 35.41
N ASP B 182 -9.82 -13.41 35.89
CA ASP B 182 -8.67 -14.07 36.51
CA ASP B 182 -8.52 -13.85 36.47
C ASP B 182 -7.75 -14.75 35.45
N PHE B 183 -6.50 -14.95 35.79
CA PHE B 183 -5.52 -15.70 35.10
C PHE B 183 -5.67 -17.00 35.88
N LYS B 184 -5.88 -18.10 35.15
CA LYS B 184 -5.89 -19.44 35.65
C LYS B 184 -5.13 -20.41 34.65
N LYS B 185 -4.93 -21.63 35.13
CA LYS B 185 -4.25 -22.64 34.44
C LYS B 185 -5.05 -23.08 33.23
N PHE B 186 -4.30 -23.40 32.15
CA PHE B 186 -4.97 -24.06 31.00
C PHE B 186 -5.63 -25.37 31.50
N SER B 187 -6.68 -25.81 30.80
CA SER B 187 -7.25 -27.16 31.04
C SER B 187 -7.90 -27.68 29.75
N PHE B 188 -8.08 -28.99 29.65
CA PHE B 188 -8.92 -29.64 28.64
C PHE B 188 -10.02 -30.45 29.33
N THR B 189 -11.15 -30.52 28.63
CA THR B 189 -12.36 -31.21 29.10
C THR B 189 -12.87 -32.17 27.98
N ALA B 190 -13.16 -33.44 28.36
CA ALA B 190 -13.63 -34.54 27.48
C ALA B 190 -14.64 -35.39 28.25
N ASN B 191 -15.85 -35.61 27.72
CA ASN B 191 -16.91 -36.42 28.34
C ASN B 191 -17.09 -36.23 29.86
N GLY B 192 -17.13 -34.95 30.25
CA GLY B 192 -17.38 -34.49 31.60
C GLY B 192 -16.24 -34.52 32.58
N ILE B 193 -14.97 -34.54 32.13
CA ILE B 193 -13.72 -34.66 33.01
C ILE B 193 -12.74 -33.53 32.57
N THR B 194 -12.47 -32.61 33.52
CA THR B 194 -11.60 -31.47 33.37
C THR B 194 -10.24 -31.75 33.97
N LYS B 195 -9.16 -31.73 33.18
CA LYS B 195 -7.85 -31.73 33.83
C LYS B 195 -7.08 -30.43 33.56
N GLU B 196 -6.35 -29.95 34.58
CA GLU B 196 -5.46 -28.80 34.45
C GLU B 196 -4.09 -29.10 34.03
N SER B 197 -3.47 -28.16 33.33
CA SER B 197 -1.98 -28.17 33.08
C SER B 197 -1.16 -27.14 33.91
N ASP B 198 0.03 -27.52 34.29
CA ASP B 198 0.98 -26.61 34.92
C ASP B 198 1.61 -25.62 33.93
N GLY B 199 1.44 -25.85 32.62
CA GLY B 199 1.88 -24.90 31.63
C GLY B 199 2.19 -25.38 30.22
N LEU B 200 2.33 -24.42 29.32
CA LEU B 200 2.58 -24.63 27.93
C LEU B 200 3.99 -24.15 27.64
N ASN B 201 4.85 -25.10 27.24
CA ASN B 201 6.25 -24.85 26.83
C ASN B 201 6.27 -24.94 25.32
N TYR B 202 6.64 -23.88 24.62
CA TYR B 202 6.54 -23.78 23.17
C TYR B 202 7.83 -23.20 22.54
N ILE B 203 7.92 -23.51 21.28
CA ILE B 203 8.89 -22.99 20.31
C ILE B 203 8.16 -22.73 18.98
N ASP B 204 8.39 -21.55 18.44
CA ASP B 204 7.87 -21.04 17.11
C ASP B 204 9.07 -20.53 16.22
N LEU B 205 9.15 -21.01 14.99
CA LEU B 205 10.22 -20.61 14.09
C LEU B 205 9.58 -20.16 12.81
N ARG B 206 10.06 -19.04 12.25
CA ARG B 206 9.46 -18.48 11.05
C ARG B 206 10.57 -18.21 10.06
N TYR B 207 10.51 -18.70 8.85
CA TYR B 207 11.57 -18.53 7.94
C TYR B 207 11.01 -18.00 6.65
N GLN B 208 11.66 -16.95 6.17
CA GLN B 208 11.35 -16.31 4.96
C GLN B 208 12.27 -16.84 3.87
N PHE B 209 11.88 -17.79 3.02
CA PHE B 209 12.82 -18.47 2.07
C PHE B 209 13.16 -17.52 0.89
N THR B 210 12.13 -16.85 0.41
CA THR B 210 12.19 -15.88 -0.64
C THR B 210 11.14 -14.83 -0.22
N PRO B 211 11.12 -13.68 -0.96
CA PRO B 211 10.05 -12.71 -0.67
C PRO B 211 8.66 -13.25 -0.94
N SER B 212 8.56 -14.27 -1.76
CA SER B 212 7.33 -14.92 -2.11
C SER B 212 6.84 -16.15 -1.22
N LEU B 213 7.78 -16.76 -0.49
CA LEU B 213 7.60 -18.11 0.08
C LEU B 213 8.07 -18.07 1.48
N LYS B 214 7.18 -18.38 2.39
CA LYS B 214 7.54 -18.46 3.78
C LYS B 214 6.98 -19.73 4.53
N GLY B 215 7.62 -20.03 5.67
CA GLY B 215 7.40 -21.30 6.43
C GLY B 215 7.38 -21.07 7.96
N GLU B 216 6.59 -21.83 8.69
CA GLU B 216 6.55 -21.77 10.13
C GLU B 216 6.48 -23.16 10.69
N TYR B 217 7.24 -23.40 11.73
CA TYR B 217 7.14 -24.61 12.51
C TYR B 217 6.81 -24.20 13.97
N TYR B 218 5.84 -24.86 14.58
CA TYR B 218 5.56 -24.60 15.99
C TYR B 218 5.48 -25.93 16.75
N PHE B 219 6.08 -26.00 17.91
CA PHE B 219 5.84 -27.13 18.83
C PHE B 219 5.34 -26.57 20.15
N GLY B 220 4.30 -27.19 20.67
CA GLY B 220 3.88 -26.90 21.99
C GLY B 220 3.66 -28.11 22.87
N ASN B 221 4.21 -28.04 24.05
CA ASN B 221 4.03 -29.08 25.08
C ASN B 221 3.06 -28.51 26.15
N LEU B 222 1.77 -28.85 26.03
CA LEU B 222 0.77 -28.49 27.01
C LEU B 222 0.78 -29.58 28.10
N GLU B 223 1.66 -29.42 29.07
CA GLU B 223 1.98 -30.47 30.06
C GLU B 223 0.76 -31.15 30.64
N ASP B 224 0.86 -32.44 30.61
CA ASP B 224 -0.16 -33.34 31.16
C ASP B 224 -1.43 -33.37 30.34
N LEU B 225 -1.55 -32.60 29.24
CA LEU B 225 -2.72 -32.67 28.42
C LEU B 225 -2.33 -33.13 27.04
N TYR B 226 -1.58 -32.37 26.25
CA TYR B 226 -1.19 -32.89 24.91
C TYR B 226 -0.06 -32.12 24.30
N ASN B 227 0.53 -32.71 23.30
CA ASN B 227 1.64 -32.16 22.53
C ASN B 227 1.18 -31.99 21.11
N LYS B 228 1.54 -30.84 20.59
CA LYS B 228 1.05 -30.32 19.33
C LYS B 228 2.22 -29.85 18.42
N HIS B 229 2.24 -30.34 17.18
CA HIS B 229 3.17 -29.85 16.15
C HIS B 229 2.32 -29.13 15.08
N TYR B 230 2.84 -28.02 14.53
CA TYR B 230 2.24 -27.39 13.36
C TYR B 230 3.32 -27.01 12.33
N VAL B 231 3.01 -27.24 11.04
CA VAL B 231 3.86 -26.77 9.92
C VAL B 231 2.91 -25.99 8.96
N GLY B 232 3.29 -24.75 8.64
CA GLY B 232 2.45 -23.85 7.76
C GLY B 232 3.31 -23.39 6.57
N LEU B 233 2.95 -23.59 5.30
CA LEU B 233 3.72 -23.04 4.18
C LEU B 233 2.88 -22.02 3.48
N GLU B 234 3.47 -20.90 3.06
CA GLU B 234 2.63 -19.91 2.40
C GLU B 234 3.39 -19.28 1.20
N HIS B 235 2.75 -19.27 0.05
CA HIS B 235 3.27 -18.74 -1.15
C HIS B 235 2.29 -17.66 -1.71
N THR B 236 2.86 -16.60 -2.21
CA THR B 236 2.14 -15.39 -2.72
C THR B 236 2.68 -15.11 -4.13
N TRP B 237 1.75 -15.18 -5.09
CA TRP B 237 2.05 -14.91 -6.48
C TRP B 237 1.28 -13.65 -6.89
N LYS B 238 2.04 -12.62 -7.17
CA LYS B 238 1.49 -11.29 -7.51
C LYS B 238 1.67 -11.15 -9.03
N GLN B 239 0.54 -10.89 -9.68
CA GLN B 239 0.44 -10.77 -11.12
C GLN B 239 -0.36 -9.46 -11.47
N PRO B 240 -0.19 -9.06 -12.74
CA PRO B 240 -0.82 -7.75 -13.10
C PRO B 240 -2.36 -7.72 -12.93
N THR B 241 -3.05 -8.87 -13.05
CA THR B 241 -4.50 -8.95 -13.05
C THR B 241 -5.12 -9.81 -11.92
N PHE B 242 -4.26 -10.46 -11.12
CA PHE B 242 -4.68 -11.18 -9.90
C PHE B 242 -3.49 -11.44 -8.97
N ALA B 243 -3.80 -11.70 -7.70
CA ALA B 243 -2.77 -12.18 -6.76
C ALA B 243 -3.29 -13.47 -6.09
N LEU B 244 -2.46 -14.50 -6.12
CA LEU B 244 -2.83 -15.76 -5.57
C LEU B 244 -2.05 -16.05 -4.30
N THR B 245 -2.75 -16.36 -3.23
CA THR B 245 -2.10 -16.83 -1.99
C THR B 245 -2.42 -18.31 -1.77
N SER B 246 -1.40 -19.11 -1.64
CA SER B 246 -1.53 -20.54 -1.36
C SER B 246 -1.01 -20.93 -0.01
N LYS B 247 -1.83 -21.70 0.71
CA LYS B 247 -1.48 -22.09 2.07
C LYS B 247 -1.64 -23.56 2.33
N PHE B 248 -0.57 -24.17 2.88
CA PHE B 248 -0.61 -25.58 3.25
C PHE B 248 -0.43 -25.60 4.75
N LYS B 249 -1.37 -26.21 5.44
CA LYS B 249 -1.35 -26.27 6.92
C LYS B 249 -1.47 -27.71 7.47
N TYR B 250 -0.57 -28.06 8.39
CA TYR B 250 -0.53 -29.43 8.99
C TYR B 250 -0.46 -29.30 10.51
N PHE B 251 -1.41 -29.89 11.22
CA PHE B 251 -1.35 -29.96 12.67
C PHE B 251 -1.35 -31.48 13.02
N ASN B 252 -0.65 -31.83 14.09
CA ASN B 252 -0.63 -33.07 14.76
C ASN B 252 -0.71 -32.90 16.31
N ALA B 253 -1.80 -33.45 16.91
CA ALA B 253 -1.96 -33.46 18.36
C ALA B 253 -2.06 -34.90 18.94
N LYS B 254 -1.30 -35.16 20.00
CA LYS B 254 -1.26 -36.50 20.67
C LYS B 254 -1.20 -36.29 22.17
N ASP B 255 -2.04 -36.94 22.98
CA ASP B 255 -2.00 -36.71 24.50
C ASP B 255 -0.68 -37.16 25.11
N ASP B 256 -0.35 -36.46 26.26
CA ASP B 256 0.94 -36.37 27.05
C ASP B 256 0.56 -37.03 28.40
N GLY B 257 1.00 -38.31 28.62
CA GLY B 257 0.41 -39.24 29.64
C GLY B 257 -0.70 -40.14 29.04
N ASN B 258 -1.60 -40.75 29.89
CA ASN B 258 -3.08 -41.15 29.59
C ASN B 258 -4.25 -41.26 30.76
N THR B 259 -4.89 -40.12 31.04
CA THR B 259 -6.36 -39.92 31.29
C THR B 259 -7.25 -39.46 29.99
N PHE B 260 -6.74 -38.69 29.04
CA PHE B 260 -7.48 -38.43 27.80
C PHE B 260 -6.98 -39.25 26.67
N ASP B 261 -7.80 -39.51 25.66
CA ASP B 261 -7.34 -40.12 24.40
C ASP B 261 -7.45 -39.08 23.27
N ILE B 262 -6.32 -38.44 22.95
CA ILE B 262 -6.22 -37.30 21.99
C ILE B 262 -5.27 -37.74 20.91
N ASP B 263 -5.74 -37.74 19.68
CA ASP B 263 -5.05 -38.48 18.58
C ASP B 263 -5.56 -37.94 17.22
N ALA B 264 -4.96 -36.86 16.75
CA ALA B 264 -5.56 -36.12 15.61
C ALA B 264 -4.58 -35.35 14.76
N GLU B 265 -4.77 -35.44 13.47
CA GLU B 265 -4.02 -34.62 12.52
C GLU B 265 -5.06 -33.77 11.76
N ASN B 266 -4.70 -32.54 11.51
CA ASN B 266 -5.54 -31.60 10.70
C ASN B 266 -4.70 -31.12 9.53
N ILE B 267 -5.14 -31.45 8.34
CA ILE B 267 -4.45 -31.02 7.12
C ILE B 267 -5.39 -30.08 6.41
N GLY B 268 -4.85 -28.98 5.94
CA GLY B 268 -5.66 -27.93 5.24
C GLY B 268 -4.99 -27.31 4.05
N LEU B 269 -5.76 -27.07 3.00
CA LEU B 269 -5.30 -26.31 1.85
C LEU B 269 -6.26 -25.13 1.58
N LEU B 270 -5.67 -23.98 1.33
CA LEU B 270 -6.42 -22.80 1.11
C LEU B 270 -5.79 -22.00 -0.02
N GLU B 271 -6.62 -21.65 -0.97
CA GLU B 271 -6.29 -20.79 -2.11
C GLU B 271 -7.12 -19.51 -2.10
N THR B 272 -6.48 -18.33 -2.00
CA THR B 272 -7.14 -17.03 -2.05
C THR B 272 -6.60 -16.11 -3.20
N VAL B 273 -7.53 -15.38 -3.81
CA VAL B 273 -7.32 -14.63 -5.06
C VAL B 273 -7.89 -13.19 -4.82
N LYS B 274 -7.05 -12.17 -5.01
CA LYS B 274 -7.40 -10.81 -5.01
C LYS B 274 -7.38 -10.27 -6.45
N VAL B 275 -8.51 -9.75 -6.88
CA VAL B 275 -8.63 -9.10 -8.20
C VAL B 275 -9.19 -7.71 -7.83
N LYS B 276 -8.30 -6.73 -7.81
CA LYS B 276 -8.54 -5.39 -7.27
C LYS B 276 -9.37 -5.51 -5.96
N ASN B 277 -10.63 -5.08 -5.95
CA ASN B 277 -11.35 -5.00 -4.69
C ASN B 277 -12.18 -6.23 -4.29
N HIS B 278 -12.20 -7.22 -5.20
CA HIS B 278 -12.77 -8.54 -5.01
C HIS B 278 -11.75 -9.43 -4.38
N THR B 279 -12.26 -10.26 -3.50
CA THR B 279 -11.53 -11.43 -2.97
C THR B 279 -12.36 -12.76 -3.09
N PHE B 280 -11.67 -13.88 -3.47
CA PHE B 280 -12.28 -15.20 -3.60
C PHE B 280 -11.40 -16.20 -2.91
N GLY B 281 -12.05 -17.12 -2.27
CA GLY B 281 -11.42 -18.12 -1.38
C GLY B 281 -12.05 -19.51 -1.59
N LEU B 282 -11.15 -20.49 -1.62
CA LEU B 282 -11.50 -21.85 -1.66
C LEU B 282 -10.57 -22.72 -0.84
N GLY B 283 -11.12 -23.57 0.02
CA GLY B 283 -10.31 -24.39 0.89
C GLY B 283 -10.85 -25.75 1.25
N TYR B 284 -9.99 -26.57 1.79
CA TYR B 284 -10.29 -27.92 2.11
C TYR B 284 -9.53 -28.28 3.39
N GLN B 285 -10.24 -28.97 4.29
CA GLN B 285 -9.75 -29.41 5.59
C GLN B 285 -10.23 -30.84 5.90
N GLN B 286 -9.39 -31.60 6.57
CA GLN B 286 -9.67 -32.99 6.90
C GLN B 286 -9.04 -33.27 8.19
N ILE B 287 -9.80 -33.85 9.12
CA ILE B 287 -9.26 -34.33 10.41
C ILE B 287 -9.05 -35.83 10.29
N ILE B 288 -7.94 -36.33 10.79
CA ILE B 288 -7.59 -37.81 10.65
C ILE B 288 -7.14 -38.32 11.98
N GLY B 289 -7.47 -39.56 12.34
CA GLY B 289 -7.13 -40.03 13.65
C GLY B 289 -8.29 -40.49 14.46
N GLU B 290 -7.97 -41.00 15.65
CA GLU B 290 -8.97 -41.60 16.51
C GLU B 290 -9.80 -40.57 17.35
N SER B 291 -9.45 -39.29 17.30
CA SER B 291 -10.23 -38.27 17.99
C SER B 291 -10.55 -37.04 17.15
N ALA B 292 -11.55 -36.26 17.63
CA ALA B 292 -11.69 -34.87 17.22
C ALA B 292 -10.36 -34.16 17.41
N TYR B 293 -10.11 -33.15 16.63
CA TYR B 293 -8.92 -32.27 16.93
C TYR B 293 -9.20 -31.42 18.27
N PRO B 294 -8.29 -31.43 19.27
CA PRO B 294 -8.53 -30.76 20.61
C PRO B 294 -8.29 -29.24 20.62
N LEU B 295 -9.18 -28.50 21.29
CA LEU B 295 -8.95 -27.15 21.70
C LEU B 295 -8.92 -27.09 23.19
N PRO B 296 -8.11 -26.19 23.79
CA PRO B 296 -8.30 -25.98 25.27
C PRO B 296 -9.69 -25.44 25.67
N ASP B 297 -10.06 -25.58 26.93
CA ASP B 297 -11.20 -24.76 27.53
C ASP B 297 -10.92 -23.19 27.48
N GLY B 298 -11.91 -22.33 27.74
CA GLY B 298 -11.71 -20.90 27.73
C GLY B 298 -11.91 -20.30 26.34
N PHE B 299 -12.53 -21.10 25.44
CA PHE B 299 -12.84 -20.86 24.06
C PHE B 299 -11.63 -20.25 23.30
N LEU B 300 -10.42 -20.79 23.56
CA LEU B 300 -9.15 -20.24 22.93
C LEU B 300 -9.20 -20.65 21.49
N PRO B 301 -9.16 -19.67 20.58
CA PRO B 301 -9.51 -20.05 19.22
C PRO B 301 -8.24 -20.53 18.47
N GLU B 302 -8.37 -21.52 17.55
CA GLU B 302 -7.21 -22.00 16.74
C GLU B 302 -7.20 -21.19 15.41
N THR B 303 -6.63 -20.01 15.56
CA THR B 303 -6.59 -18.99 14.48
C THR B 303 -5.64 -19.38 13.32
N TYR B 304 -4.78 -20.42 13.49
CA TYR B 304 -3.90 -20.99 12.37
C TYR B 304 -4.55 -22.07 11.52
N PHE B 305 -5.83 -22.42 11.82
CA PHE B 305 -6.62 -23.26 10.85
C PHE B 305 -6.87 -22.43 9.57
N ILE B 306 -7.13 -23.13 8.47
CA ILE B 306 -7.37 -22.38 7.22
C ILE B 306 -8.53 -21.37 7.35
N ASN B 307 -9.51 -21.63 8.23
CA ASN B 307 -10.71 -20.80 8.36
C ASN B 307 -11.41 -21.04 9.75
N TRP B 308 -10.82 -20.51 10.82
CA TRP B 308 -11.38 -20.66 12.10
C TRP B 308 -12.79 -19.92 12.08
N ASN B 309 -13.87 -20.51 12.57
CA ASN B 309 -15.19 -19.76 12.46
C ASN B 309 -16.02 -20.14 13.76
N ALA B 310 -17.34 -20.18 13.69
CA ALA B 310 -18.08 -20.37 14.94
C ALA B 310 -18.02 -21.77 15.49
N THR B 311 -18.03 -22.78 14.61
CA THR B 311 -18.14 -24.17 15.01
C THR B 311 -16.92 -25.06 14.62
N GLY B 312 -16.09 -24.63 13.66
CA GLY B 312 -14.68 -25.14 13.55
C GLY B 312 -14.38 -26.27 12.53
N PHE B 313 -15.38 -27.15 12.36
CA PHE B 313 -15.34 -28.36 11.46
C PHE B 313 -14.10 -29.24 11.88
N PHE B 314 -13.91 -29.46 13.18
CA PHE B 314 -12.78 -30.19 13.70
C PHE B 314 -13.17 -31.52 14.32
N LYS B 315 -14.35 -32.00 13.92
CA LYS B 315 -14.86 -33.25 14.50
C LYS B 315 -14.02 -34.46 13.93
N GLU B 316 -14.04 -35.54 14.68
CA GLU B 316 -13.29 -36.74 14.27
C GLU B 316 -13.64 -37.16 12.85
N ASP B 317 -12.66 -37.35 11.98
CA ASP B 317 -12.89 -37.76 10.59
C ASP B 317 -13.53 -36.71 9.66
N GLU B 318 -13.69 -35.49 10.11
CA GLU B 318 -14.61 -34.58 9.41
C GLU B 318 -13.76 -34.01 8.25
N LYS B 319 -14.40 -33.99 7.10
CA LYS B 319 -13.88 -33.35 5.88
C LYS B 319 -14.79 -32.13 5.61
N SER B 320 -14.16 -31.01 5.20
CA SER B 320 -14.85 -29.78 4.95
C SER B 320 -14.34 -29.02 3.76
N TYR B 321 -15.26 -28.34 3.08
CA TYR B 321 -15.10 -27.54 1.90
C TYR B 321 -15.54 -26.13 2.29
N HIS B 322 -14.68 -25.16 2.01
CA HIS B 322 -14.79 -23.76 2.42
C HIS B 322 -14.75 -22.90 1.18
N VAL B 323 -15.72 -22.00 1.08
CA VAL B 323 -15.77 -21.07 -0.04
C VAL B 323 -15.86 -19.66 0.58
N MET B 324 -15.28 -18.67 -0.08
CA MET B 324 -15.35 -17.33 0.40
C MET B 324 -15.40 -16.26 -0.75
N TYR B 325 -16.15 -15.17 -0.49
CA TYR B 325 -16.23 -14.02 -1.37
C TYR B 325 -16.35 -12.75 -0.52
N GLY B 326 -15.53 -11.73 -0.88
CA GLY B 326 -15.56 -10.41 -0.25
C GLY B 326 -15.36 -9.25 -1.24
N TYR B 327 -15.85 -8.09 -0.81
CA TYR B 327 -15.78 -6.91 -1.61
C TYR B 327 -15.46 -5.70 -0.72
N ASP B 328 -14.40 -4.99 -1.17
CA ASP B 328 -14.01 -3.76 -0.57
C ASP B 328 -14.72 -2.62 -1.37
N PHE B 329 -15.62 -1.86 -0.70
CA PHE B 329 -16.50 -0.97 -1.43
C PHE B 329 -15.85 0.36 -1.76
N LYS B 330 -14.54 0.49 -1.53
CA LYS B 330 -13.88 1.80 -1.43
C LYS B 330 -13.90 2.69 -2.68
N ASP B 331 -14.16 2.16 -3.86
CA ASP B 331 -14.33 3.02 -5.06
C ASP B 331 -15.58 3.84 -4.97
N TYR B 332 -16.50 3.49 -4.03
CA TYR B 332 -17.91 4.03 -3.93
C TYR B 332 -18.08 4.68 -2.52
N ILE B 333 -17.92 3.90 -1.46
CA ILE B 333 -17.99 4.30 -0.12
C ILE B 333 -16.74 3.76 0.63
N PRO B 334 -15.74 4.62 0.90
CA PRO B 334 -14.54 4.24 1.59
C PRO B 334 -14.91 3.85 3.00
N GLY B 335 -14.24 2.81 3.46
CA GLY B 335 -14.46 2.32 4.77
C GLY B 335 -15.49 1.26 4.91
N LEU B 336 -16.32 1.04 3.89
CA LEU B 336 -17.28 -0.08 3.84
C LEU B 336 -16.66 -1.36 3.17
N ASN B 337 -16.79 -2.50 3.83
CA ASN B 337 -16.55 -3.76 3.23
C ASN B 337 -17.36 -4.92 3.83
N ALA B 338 -17.35 -6.02 3.08
CA ALA B 338 -18.27 -7.10 3.31
C ALA B 338 -17.66 -8.35 2.81
N MET B 339 -18.00 -9.41 3.55
CA MET B 339 -17.45 -10.77 3.33
C MET B 339 -18.52 -11.82 3.66
N VAL B 340 -18.65 -12.78 2.77
CA VAL B 340 -19.49 -13.94 2.92
C VAL B 340 -18.60 -15.27 2.80
N LYS B 341 -18.89 -16.23 3.67
CA LYS B 341 -18.17 -17.55 3.81
C LYS B 341 -19.23 -18.67 4.01
N TYR B 342 -19.08 -19.79 3.28
CA TYR B 342 -19.90 -20.95 3.45
C TYR B 342 -18.97 -22.18 3.59
N VAL B 343 -19.35 -23.09 4.52
CA VAL B 343 -18.60 -24.35 4.75
C VAL B 343 -19.55 -25.46 4.92
N TYR B 344 -19.32 -26.60 4.24
CA TYR B 344 -20.03 -27.82 4.40
C TYR B 344 -19.04 -28.82 4.92
N GLY B 345 -19.45 -29.62 5.89
CA GLY B 345 -18.64 -30.61 6.57
C GLY B 345 -19.41 -31.96 6.61
N HIS B 346 -18.72 -33.08 6.40
CA HIS B 346 -19.36 -34.38 6.43
C HIS B 346 -18.34 -35.46 6.85
N ASP B 347 -18.77 -36.74 6.81
CA ASP B 347 -17.99 -37.97 7.15
C ASP B 347 -17.63 -38.08 8.58
N PHE B 348 -18.35 -37.42 9.44
CA PHE B 348 -18.14 -37.54 10.90
C PHE B 348 -19.41 -38.15 11.45
N LYS B 349 -19.41 -38.60 12.68
CA LYS B 349 -20.56 -39.39 13.16
C LYS B 349 -21.20 -38.68 14.27
N ALA B 350 -22.51 -38.77 14.38
CA ALA B 350 -23.16 -38.31 15.65
C ALA B 350 -22.89 -39.33 16.82
N ALA B 351 -23.16 -38.92 18.07
CA ALA B 351 -22.93 -39.78 19.27
C ALA B 351 -23.68 -41.16 19.26
N ASN B 352 -24.81 -41.22 18.53
CA ASN B 352 -25.56 -42.49 18.12
C ASN B 352 -24.92 -43.39 17.04
N GLY B 353 -23.83 -42.92 16.43
CA GLY B 353 -23.18 -43.71 15.35
C GLY B 353 -23.68 -43.47 13.93
N GLU B 354 -24.71 -42.63 13.76
CA GLU B 354 -25.19 -42.20 12.43
C GLU B 354 -24.34 -41.19 11.77
N LYS B 355 -24.32 -41.30 10.45
CA LYS B 355 -23.55 -40.38 9.61
C LYS B 355 -24.10 -38.93 9.79
N ASN B 356 -23.22 -37.92 9.84
CA ASN B 356 -23.67 -36.56 10.15
C ASN B 356 -23.12 -35.61 9.11
N HIS B 357 -23.75 -34.46 9.05
CA HIS B 357 -23.27 -33.36 8.21
C HIS B 357 -23.64 -32.06 8.76
N GLU B 358 -22.88 -31.02 8.42
CA GLU B 358 -23.18 -29.67 8.89
C GLU B 358 -22.78 -28.54 7.93
N THR B 359 -23.48 -27.43 8.01
CA THR B 359 -23.13 -26.19 7.30
C THR B 359 -23.03 -25.03 8.28
N GLU B 360 -22.15 -24.10 7.95
CA GLU B 360 -22.01 -22.83 8.58
C GLU B 360 -21.89 -21.71 7.50
N SER B 361 -22.78 -20.70 7.53
CA SER B 361 -22.61 -19.50 6.73
C SER B 361 -22.23 -18.32 7.65
N ASN B 362 -21.38 -17.42 7.14
CA ASN B 362 -21.00 -16.25 7.81
C ASN B 362 -21.25 -15.03 6.89
N VAL B 363 -21.82 -13.97 7.47
CA VAL B 363 -21.79 -12.65 6.80
C VAL B 363 -21.18 -11.62 7.72
N ILE B 364 -20.16 -10.90 7.24
CA ILE B 364 -19.36 -9.95 7.98
C ILE B 364 -19.48 -8.59 7.27
N LEU B 365 -20.00 -7.59 7.96
CA LEU B 365 -20.11 -6.25 7.34
C LEU B 365 -19.34 -5.28 8.20
N ASN B 366 -18.48 -4.43 7.60
CA ASN B 366 -17.75 -3.41 8.32
C ASN B 366 -17.93 -2.03 7.77
N TYR B 367 -18.03 -1.05 8.68
CA TYR B 367 -18.13 0.35 8.26
C TYR B 367 -17.37 1.20 9.22
N ALA B 368 -16.25 1.80 8.71
CA ALA B 368 -15.42 2.69 9.49
C ALA B 368 -15.77 4.14 9.04
N PHE B 369 -16.19 4.97 9.99
CA PHE B 369 -16.52 6.34 9.61
C PHE B 369 -15.24 7.15 9.15
N GLN B 370 -15.38 8.01 8.18
CA GLN B 370 -14.28 8.76 7.56
C GLN B 370 -14.40 10.27 7.86
N GLN B 371 -15.54 10.81 8.25
CA GLN B 371 -15.53 12.19 8.68
C GLN B 371 -14.62 12.39 9.90
N PRO B 372 -13.80 13.48 9.92
CA PRO B 372 -12.99 13.86 11.10
C PRO B 372 -13.75 13.88 12.41
N LEU B 373 -14.95 14.44 12.43
CA LEU B 373 -15.73 14.40 13.64
C LEU B 373 -15.90 12.99 14.24
N LEU B 374 -16.05 11.94 13.45
CA LEU B 374 -16.38 10.56 13.87
C LEU B 374 -15.19 9.63 13.67
N LYS B 375 -14.04 10.18 13.39
CA LYS B 375 -12.87 9.31 13.13
C LYS B 375 -12.51 8.40 14.31
N GLY B 376 -12.31 7.11 13.99
CA GLY B 376 -12.09 6.11 15.03
C GLY B 376 -13.34 5.35 15.47
N PHE B 377 -14.58 5.84 15.15
CA PHE B 377 -15.80 5.05 15.31
C PHE B 377 -15.91 4.04 14.11
N ALA B 378 -16.32 2.80 14.37
CA ALA B 378 -16.68 1.86 13.30
C ALA B 378 -17.87 0.97 13.75
N LEU B 379 -18.62 0.47 12.81
CA LEU B 379 -19.59 -0.57 12.96
C LEU B 379 -19.23 -1.88 12.37
N GLN B 380 -19.69 -2.93 13.04
CA GLN B 380 -19.49 -4.29 12.58
C GLN B 380 -20.70 -5.10 12.86
N TYR B 381 -21.19 -5.80 11.81
CA TYR B 381 -22.37 -6.70 11.94
C TYR B 381 -21.88 -8.13 11.48
N ILE B 382 -22.19 -9.11 12.31
CA ILE B 382 -21.88 -10.53 11.96
C ILE B 382 -23.08 -11.35 12.09
N ARG B 383 -23.47 -11.98 11.02
CA ARG B 383 -24.51 -13.02 11.01
C ARG B 383 -23.91 -14.48 10.73
N ILE B 384 -24.20 -15.37 11.69
CA ILE B 384 -23.79 -16.78 11.65
C ILE B 384 -25.04 -17.65 11.60
N ASP B 385 -25.16 -18.50 10.58
CA ASP B 385 -26.15 -19.56 10.56
C ASP B 385 -25.54 -20.98 10.51
N TYR B 386 -25.91 -21.83 11.52
CA TYR B 386 -25.35 -23.18 11.70
C TYR B 386 -26.50 -24.14 11.61
N ASN B 387 -26.38 -25.13 10.69
CA ASN B 387 -27.32 -26.28 10.51
C ASN B 387 -26.58 -27.61 10.55
N VAL B 388 -27.13 -28.52 11.32
CA VAL B 388 -26.57 -29.87 11.50
C VAL B 388 -27.68 -30.94 11.39
N LYS B 389 -27.34 -32.09 10.79
CA LYS B 389 -28.33 -33.15 10.71
C LYS B 389 -28.74 -33.63 12.11
N HIS B 390 -27.77 -33.97 12.93
CA HIS B 390 -28.01 -34.43 14.30
C HIS B 390 -27.26 -33.47 15.22
N GLY B 391 -28.04 -32.68 15.93
CA GLY B 391 -27.53 -31.63 16.77
C GLY B 391 -28.42 -30.38 16.68
N ASN B 392 -27.85 -29.33 17.26
CA ASN B 392 -28.61 -28.10 17.44
C ASN B 392 -28.28 -26.93 16.53
N ASP B 393 -29.22 -26.67 15.61
CA ASP B 393 -29.12 -25.54 14.70
C ASP B 393 -29.24 -24.20 15.49
N PHE B 394 -28.59 -23.14 14.97
CA PHE B 394 -28.77 -21.81 15.46
C PHE B 394 -28.49 -20.68 14.49
N GLY B 395 -28.87 -19.49 14.91
CA GLY B 395 -28.61 -18.26 14.15
C GLY B 395 -28.09 -17.24 15.14
N GLU B 396 -26.95 -16.61 14.84
CA GLU B 396 -26.34 -15.73 15.79
C GLU B 396 -26.11 -14.38 15.10
N ASP B 397 -26.50 -13.34 15.83
CA ASP B 397 -26.24 -11.96 15.46
C ASP B 397 -25.17 -11.36 16.41
N ARG B 398 -24.20 -10.59 15.87
CA ARG B 398 -23.30 -9.80 16.71
C ARG B 398 -23.25 -8.38 16.11
N LEU B 399 -23.56 -7.35 16.91
CA LEU B 399 -23.53 -5.96 16.45
C LEU B 399 -22.60 -5.19 17.39
N PHE B 400 -21.62 -4.47 16.83
CA PHE B 400 -20.66 -3.81 17.60
C PHE B 400 -20.58 -2.34 17.10
N VAL B 401 -20.48 -1.43 18.09
CA VAL B 401 -20.06 -0.05 17.82
C VAL B 401 -18.73 0.14 18.53
N ASN B 402 -17.66 0.32 17.73
CA ASN B 402 -16.27 0.40 18.22
C ASN B 402 -15.69 1.78 18.07
N TYR B 403 -15.00 2.23 19.14
CA TYR B 403 -14.15 3.39 19.12
C TYR B 403 -12.75 2.96 19.42
N THR B 404 -11.81 3.41 18.62
CA THR B 404 -10.39 3.17 18.85
C THR B 404 -9.60 4.51 18.67
N LYS B 405 -8.77 4.86 19.62
CA LYS B 405 -7.76 5.82 19.37
C LYS B 405 -6.35 5.40 19.86
N LYS B 406 -5.36 5.68 19.00
CA LYS B 406 -3.92 5.53 19.22
C LYS B 406 -3.26 6.85 19.38
N PHE B 407 -2.41 6.94 20.38
CA PHE B 407 -1.68 8.11 20.67
C PHE B 407 -0.41 7.73 21.48
O12 C8E C . -7.22 38.19 -26.68
C13 C8E C . -6.48 39.33 -26.25
C14 C8E C . -5.73 39.98 -27.42
O15 C8E C . -5.45 41.37 -27.11
C16 C8E C . -4.17 41.94 -27.46
C17 C8E C . -4.10 42.11 -28.97
O18 C8E C . -2.93 42.89 -29.31
C19 C8E C . -2.60 42.70 -30.71
C20 C8E C . -1.79 43.87 -31.24
O21 C8E C . -0.67 44.11 -30.38
O15 C8E D . -6.89 40.69 -31.84
C16 C8E D . -7.13 41.55 -32.95
C17 C8E D . -6.53 42.91 -32.59
O18 C8E D . -5.91 43.54 -33.74
C19 C8E D . -5.16 44.71 -33.33
C20 C8E D . -4.10 45.10 -34.35
O21 C8E D . -4.76 44.94 -35.59
C8 C8E E . 17.06 11.75 -45.30
O9 C8E E . 18.01 11.12 -44.43
C10 C8E E . 18.37 11.74 -43.18
C11 C8E E . 18.89 10.66 -42.21
O12 C8E E . 19.36 11.17 -40.95
C13 C8E E . 20.26 10.38 -40.17
C14 C8E E . 19.55 9.24 -39.46
O15 C8E E . 20.11 7.95 -39.74
C16 C8E E . 19.31 7.16 -40.66
C17 C8E E . 19.80 5.71 -40.74
O18 C8E E . 19.38 5.09 -41.97
C19 C8E E . 19.06 3.70 -41.88
C20 C8E E . 19.46 2.92 -43.15
O21 C8E E . 20.74 3.30 -43.75
C1 C8E F . 14.92 3.92 -39.77
C2 C8E F . 15.10 2.94 -38.60
C3 C8E F . 16.57 2.88 -38.14
C4 C8E F . 16.92 2.27 -36.78
C5 C8E F . 18.46 2.31 -36.55
C6 C8E F . 18.96 3.11 -35.32
C7 C8E F . 20.16 4.07 -35.50
C8 C8E F . 19.75 5.53 -35.79
O9 C8E F . 20.80 6.48 -35.48
C10 C8E F . 20.76 7.82 -36.08
C11 C8E F . 22.16 8.50 -36.13
O12 C8E F . 22.41 9.25 -37.35
C13 C8E F . 23.65 9.98 -37.38
C14 C8E F . 24.37 9.95 -38.75
O15 C8E F . 25.75 10.43 -38.66
C16 C8E F . 25.98 11.76 -39.14
C17 C8E F . 27.03 12.44 -38.29
O18 C8E F . 27.00 13.85 -38.46
C19 C8E F . 26.95 14.51 -39.78
C20 C8E F . 27.77 15.83 -39.76
O21 C8E F . 28.49 16.19 -38.51
CA CA G . -19.49 13.71 -19.24
CA CA H . -15.26 3.62 -26.13
C5 C8E I . -0.80 -24.20 -11.06
C6 C8E I . 0.27 -23.09 -10.91
C7 C8E I . 0.10 -22.22 -9.68
C8 C8E I . 1.35 -21.94 -8.81
O9 C8E I . 1.03 -22.08 -7.41
C10 C8E I . 1.96 -21.91 -6.33
C11 C8E I . 2.37 -23.23 -5.73
O12 C8E I . 3.54 -23.01 -4.89
C13 C8E I . 4.86 -22.93 -5.52
C14 C8E I . 6.11 -23.49 -4.80
O15 C8E I . 7.15 -22.50 -4.62
C16 C8E I . 7.91 -22.05 -5.75
C17 C8E I . 8.68 -20.74 -5.49
O18 C8E I . 8.10 -19.73 -6.34
C19 C8E I . 8.95 -18.78 -6.98
C20 C8E I . 8.47 -17.36 -6.67
O21 C8E I . 7.10 -17.27 -7.01
C1 C8E J . -10.37 2.73 30.50
C2 C8E J . -10.19 2.35 31.94
C3 C8E J . -11.39 1.77 32.68
C4 C8E J . -11.06 1.72 34.19
C5 C8E J . -11.93 0.75 35.00
C6 C8E J . -12.13 0.99 36.51
C7 C8E J . -13.34 0.14 36.98
C8 C8E J . -13.53 -0.13 38.50
O9 C8E J . -14.90 -0.51 38.79
C10 C8E J . -15.11 -1.32 39.97
C1 C8E K . -25.09 2.74 8.85
C2 C8E K . -24.62 4.18 9.11
C3 C8E K . -24.22 4.91 7.82
C4 C8E K . -23.96 6.43 8.01
C5 C8E K . -23.06 7.00 6.90
C6 C8E K . -22.53 8.38 7.28
C7 C8E K . -21.45 9.01 6.38
C8 C8E K . -21.42 8.72 4.88
O9 C8E K . -20.33 9.43 4.22
C10 C8E K . -20.24 9.31 2.78
C11 C8E K . -19.81 10.69 2.19
O12 C8E K . -20.40 11.06 0.91
C13 C8E K . -19.93 12.39 0.48
C14 C8E K . -20.53 12.88 -0.87
O15 C8E K . -20.37 14.33 -1.06
C16 C8E K . -21.41 15.08 -1.72
C17 C8E K . -21.57 16.46 -1.05
O18 C8E K . -21.16 16.64 0.35
C19 C8E K . -20.36 17.75 0.78
C20 C8E K . -19.51 17.43 2.01
O21 C8E K . -18.09 17.70 1.90
C1 C8E L . -23.58 11.50 -4.06
C2 C8E L . -23.01 11.54 -2.64
C3 C8E L . -23.35 10.25 -1.92
C4 C8E L . -23.20 10.14 -0.41
C5 C8E L . -24.34 9.32 0.19
C6 C8E L . -23.99 8.50 1.42
C7 C8E L . -25.11 7.53 1.88
C8 C8E L . -24.58 6.39 2.78
CA CA M . -34.72 -19.95 20.24
CA CA N . -30.63 -30.14 13.72
#